data_7N4I
#
_entry.id   7N4I
#
_cell.length_a   73.931
_cell.length_b   73.931
_cell.length_c   149.176
_cell.angle_alpha   90.000
_cell.angle_beta   90.000
_cell.angle_gamma   90.000
#
_symmetry.space_group_name_H-M   'P 43'
#
loop_
_entity.id
_entity.type
_entity.pdbx_description
1 polymer 'WRAIR-2057 Antibody Fab Heavy Chain'
2 polymer 'WRAIR-2057 Antibody Fab Light Chain'
3 polymer 'Spike protein S1'
4 branched beta-D-mannopyranose-(1-4)-2-acetamido-2-deoxy-beta-D-glucopyranose-(1-4)-2-acetamido-2-deoxy-beta-D-glucopyranose
5 non-polymer GLYCEROL
6 water water
#
loop_
_entity_poly.entity_id
_entity_poly.type
_entity_poly.pdbx_seq_one_letter_code
_entity_poly.pdbx_strand_id
1 'polypeptide(L)'
;EVQLVQSGAEVKKPGESLKISCKGSGYSFISYWIAWVRQMPGKGLEWMGIIYPGDSDTTYSPSFQGQVTISADKSISTAY
LQWSSLKASDTAIYYCARLLYYSDSSPLDSWGQGTLVTVSSASTKGPSVFPLAPSSKSTSGGTAALGCLVKDYFPEPVTV
SWNSGALTSGVHTFPAVLQSSGLYSLSSVVTVPSSSLGTQTYICNVNHKPSNTKVDKRVEPKSCDK
;
H
2 'polypeptide(L)'
;DIQMTQSPSSLSASVGDRVTITCRASQSISTYLNWYQQKPGKAPNLLIYAASSLQSGVPSRFSGSGSGTDFTLTISSLQP
EDFATYYCQQSHSTPRTFGPGTKVDIKRTVAAPSVFIFPPSDEQLKSGTASVVCLLNNFYPREAKVQWKVDNALQSGNSQ
ESVTEQDSKDSTYSLSSTLTLSKADYEKHKVYACEVTHQGLSSPVTKSFNRGEC
;
L
3 'polypeptide(L)'
;NITNLCPFGEVFNATRFASVYAWNRKRISNCVADYSVLYNSASFSTFKCYGVSPTKLNDLCFTNVYADSFVIRGDEVRQI
APGQTGKIADYNYKLPDDFTGCVIAWNSNNLDSKVGGNYNYLYRLFRKSNLKPFERDISTEIYQAGSTPCNGVEGFNCYF
PLQSYGFQPTNGVGYQPYRVVVLSFELLHAPATVCGPGSHHHHHH
;
C
#
loop_
_chem_comp.id
_chem_comp.type
_chem_comp.name
_chem_comp.formula
BMA D-saccharide, beta linking beta-D-mannopyranose 'C6 H12 O6'
GOL non-polymer GLYCEROL 'C3 H8 O3'
NAG D-saccharide, beta linking 2-acetamido-2-deoxy-beta-D-glucopyranose 'C8 H15 N O6'
#
# COMPACT_ATOMS: atom_id res chain seq x y z
N GLU A 1 10.98 13.26 -4.36
CA GLU A 1 10.89 11.78 -4.52
C GLU A 1 10.81 11.12 -3.15
N VAL A 2 9.67 11.27 -2.49
CA VAL A 2 9.39 10.52 -1.27
C VAL A 2 9.11 9.08 -1.66
N GLN A 3 9.87 8.15 -1.10
CA GLN A 3 9.72 6.74 -1.44
C GLN A 3 9.98 5.84 -0.24
N LEU A 4 9.22 4.76 -0.18
CA LEU A 4 9.46 3.66 0.74
C LEU A 4 9.73 2.41 -0.08
N VAL A 5 10.80 1.69 0.25
CA VAL A 5 11.18 0.47 -0.45
C VAL A 5 11.26 -0.67 0.55
N GLN A 6 10.52 -1.73 0.28
CA GLN A 6 10.44 -2.88 1.18
C GLN A 6 11.34 -4.00 0.66
N SER A 7 11.68 -4.90 1.56
CA SER A 7 12.54 -6.03 1.21
C SER A 7 11.77 -7.04 0.35
N GLY A 8 12.52 -8.00 -0.19
CA GLY A 8 11.99 -8.92 -1.19
C GLY A 8 11.15 -10.05 -0.64
N ALA A 9 10.53 -10.79 -1.55
CA ALA A 9 9.63 -11.86 -1.17
C ALA A 9 10.30 -12.86 -0.25
N GLU A 10 9.49 -13.50 0.59
CA GLU A 10 9.96 -14.41 1.62
C GLU A 10 9.16 -15.71 1.56
N VAL A 11 9.86 -16.83 1.71
CA VAL A 11 9.27 -18.16 1.73
C VAL A 11 9.79 -18.87 2.97
N LYS A 12 8.91 -19.10 3.94
CA LYS A 12 9.31 -19.66 5.23
C LYS A 12 8.42 -20.85 5.56
N LYS A 13 8.80 -21.55 6.61
CA LYS A 13 8.03 -22.66 7.14
C LYS A 13 7.37 -22.26 8.46
N PRO A 14 6.25 -22.89 8.82
CA PRO A 14 5.63 -22.58 10.11
C PRO A 14 6.60 -22.75 11.27
N GLY A 15 6.56 -21.81 12.21
CA GLY A 15 7.38 -21.86 13.40
C GLY A 15 8.68 -21.11 13.30
N GLU A 16 9.03 -20.61 12.13
CA GLU A 16 10.26 -19.87 11.93
C GLU A 16 10.03 -18.39 12.21
N SER A 17 11.12 -17.69 12.46
CA SER A 17 11.11 -16.24 12.60
C SER A 17 11.24 -15.58 11.22
N LEU A 18 10.80 -14.33 11.16
CA LEU A 18 10.95 -13.52 9.96
C LEU A 18 10.98 -12.06 10.36
N LYS A 19 11.82 -11.30 9.67
CA LYS A 19 11.88 -9.85 9.81
C LYS A 19 11.93 -9.27 8.40
N ILE A 20 11.06 -8.30 8.12
CA ILE A 20 11.06 -7.59 6.85
C ILE A 20 11.23 -6.11 7.14
N SER A 21 11.69 -5.38 6.13
CA SER A 21 12.16 -4.02 6.29
C SER A 21 11.44 -3.08 5.32
N CYS A 22 11.56 -1.78 5.63
CA CYS A 22 10.89 -0.73 4.86
C CYS A 22 11.77 0.50 4.99
N LYS A 23 12.51 0.81 3.94
CA LYS A 23 13.48 1.88 3.99
C LYS A 23 12.90 3.11 3.29
N GLY A 24 12.98 4.25 3.95
CA GLY A 24 12.39 5.48 3.46
C GLY A 24 13.46 6.50 3.12
N SER A 25 13.20 7.25 2.04
CA SER A 25 14.09 8.30 1.60
C SER A 25 13.24 9.44 1.06
N GLY A 26 13.90 10.58 0.84
CA GLY A 26 13.24 11.74 0.28
C GLY A 26 12.52 12.62 1.27
N TYR A 27 12.67 12.39 2.57
CA TYR A 27 12.01 13.19 3.58
C TYR A 27 12.65 12.91 4.93
N SER A 28 12.21 13.64 5.96
CA SER A 28 12.71 13.43 7.31
C SER A 28 12.03 12.19 7.89
N PHE A 29 12.76 11.07 7.91
CA PHE A 29 12.15 9.80 8.30
C PHE A 29 11.65 9.83 9.75
N ILE A 30 12.34 10.56 10.64
CA ILE A 30 11.94 10.54 12.05
C ILE A 30 10.68 11.35 12.31
N SER A 31 10.24 12.16 11.35
CA SER A 31 9.20 13.15 11.56
C SER A 31 7.81 12.66 11.16
N TYR A 32 7.69 11.44 10.63
CA TYR A 32 6.41 10.93 10.15
C TYR A 32 6.20 9.53 10.68
N TRP A 33 4.95 9.22 11.02
CA TRP A 33 4.59 7.88 11.46
C TRP A 33 4.55 6.93 10.27
N ILE A 34 4.79 5.65 10.54
CA ILE A 34 4.74 4.59 9.53
C ILE A 34 3.68 3.58 9.94
N ALA A 35 2.81 3.23 9.00
CA ALA A 35 1.82 2.18 9.21
C ALA A 35 2.27 0.90 8.50
N TRP A 36 1.74 -0.22 8.99
CA TRP A 36 1.87 -1.50 8.31
C TRP A 36 0.47 -2.01 8.00
N VAL A 37 0.27 -2.49 6.77
CA VAL A 37 -1.02 -2.95 6.29
C VAL A 37 -0.84 -4.35 5.71
N ARG A 38 -1.76 -5.25 6.05
CA ARG A 38 -1.77 -6.61 5.53
C ARG A 38 -2.84 -6.75 4.45
N GLN A 39 -2.53 -7.53 3.42
CA GLN A 39 -3.46 -7.87 2.36
C GLN A 39 -3.28 -9.37 2.10
N MET A 40 -4.22 -10.15 2.60
CA MET A 40 -4.16 -11.58 2.37
C MET A 40 -4.59 -11.89 0.95
N PRO A 41 -4.19 -13.06 0.41
CA PRO A 41 -4.45 -13.38 -1.00
C PRO A 41 -5.90 -13.15 -1.41
N GLY A 42 -6.10 -12.31 -2.42
CA GLY A 42 -7.42 -12.05 -2.96
C GLY A 42 -8.35 -11.32 -2.02
N LYS A 43 -7.82 -10.68 -1.01
CA LYS A 43 -8.61 -10.00 0.02
C LYS A 43 -8.31 -8.50 -0.04
N GLY A 44 -8.88 -7.78 0.91
CA GLY A 44 -8.69 -6.35 1.01
C GLY A 44 -7.55 -5.98 1.91
N LEU A 45 -7.65 -4.80 2.52
CA LEU A 45 -6.59 -4.20 3.32
C LEU A 45 -6.96 -4.18 4.80
N GLU A 46 -5.97 -4.48 5.65
CA GLU A 46 -6.11 -4.50 7.10
C GLU A 46 -5.03 -3.65 7.74
N TRP A 47 -5.45 -2.70 8.57
CA TRP A 47 -4.54 -1.86 9.33
C TRP A 47 -4.01 -2.64 10.53
N MET A 48 -2.69 -2.83 10.56
CA MET A 48 -2.02 -3.62 11.58
C MET A 48 -1.52 -2.77 12.74
N GLY A 49 -0.97 -1.61 12.44
CA GLY A 49 -0.41 -0.79 13.50
C GLY A 49 0.43 0.33 12.92
N ILE A 50 0.93 1.16 13.83
CA ILE A 50 1.66 2.36 13.48
C ILE A 50 2.88 2.48 14.39
N ILE A 51 3.93 3.16 13.91
CA ILE A 51 5.11 3.43 14.73
C ILE A 51 5.66 4.80 14.35
N TYR A 52 6.22 5.50 15.35
CA TYR A 52 6.88 6.77 15.13
C TYR A 52 8.38 6.54 15.15
N PRO A 53 9.07 6.61 14.00
CA PRO A 53 10.51 6.26 14.00
C PRO A 53 11.33 7.09 14.97
N GLY A 54 10.92 8.31 15.29
CA GLY A 54 11.75 9.15 16.14
C GLY A 54 12.03 8.52 17.50
N ASP A 55 11.07 7.78 18.04
CA ASP A 55 11.24 7.18 19.36
C ASP A 55 10.67 5.77 19.45
N SER A 56 10.19 5.19 18.35
CA SER A 56 9.65 3.84 18.29
C SER A 56 8.38 3.67 19.13
N ASP A 57 7.69 4.75 19.47
CA ASP A 57 6.38 4.61 20.09
C ASP A 57 5.44 3.93 19.11
N THR A 58 4.78 2.87 19.57
CA THR A 58 3.94 2.03 18.74
C THR A 58 2.53 1.96 19.31
N THR A 59 1.54 1.90 18.41
CA THR A 59 0.18 1.53 18.79
C THR A 59 -0.33 0.50 17.79
N TYR A 60 -0.65 -0.67 18.29
CA TYR A 60 -1.09 -1.78 17.46
C TYR A 60 -2.61 -1.79 17.33
N SER A 61 -3.08 -2.39 16.26
CA SER A 61 -4.46 -2.80 16.22
C SER A 61 -4.66 -3.97 17.19
N PRO A 62 -5.78 -4.00 17.94
CA PRO A 62 -5.98 -5.12 18.88
C PRO A 62 -5.92 -6.48 18.22
N SER A 63 -6.33 -6.58 16.96
CA SER A 63 -6.28 -7.86 16.26
C SER A 63 -4.85 -8.34 16.03
N PHE A 64 -3.88 -7.43 16.04
CA PHE A 64 -2.50 -7.80 15.80
C PHE A 64 -1.62 -7.66 17.03
N GLN A 65 -2.13 -7.08 18.10
CA GLN A 65 -1.36 -6.96 19.34
C GLN A 65 -0.92 -8.32 19.84
N GLY A 66 0.38 -8.45 20.13
CA GLY A 66 0.90 -9.71 20.61
C GLY A 66 1.06 -10.78 19.55
N GLN A 67 0.72 -10.47 18.29
CA GLN A 67 0.89 -11.40 17.19
C GLN A 67 2.06 -11.04 16.28
N VAL A 68 2.58 -9.81 16.41
CA VAL A 68 3.63 -9.31 15.53
C VAL A 68 4.26 -8.13 16.24
N THR A 69 5.49 -7.80 15.86
CA THR A 69 6.23 -6.70 16.45
C THR A 69 6.57 -5.69 15.36
N ILE A 70 6.22 -4.43 15.60
CA ILE A 70 6.65 -3.31 14.75
C ILE A 70 7.79 -2.60 15.47
N SER A 71 8.88 -2.35 14.75
CA SER A 71 10.05 -1.69 15.32
C SER A 71 10.61 -0.76 14.27
N ALA A 72 11.70 -0.06 14.62
CA ALA A 72 12.30 0.88 13.70
C ALA A 72 13.78 1.05 14.05
N ASP A 73 14.53 1.49 13.06
CA ASP A 73 15.94 1.86 13.24
C ASP A 73 16.17 3.17 12.50
N LYS A 74 16.08 4.28 13.23
CA LYS A 74 16.18 5.58 12.58
C LYS A 74 17.57 5.82 12.02
N SER A 75 18.60 5.17 12.57
CA SER A 75 19.93 5.42 12.03
C SER A 75 20.06 5.02 10.57
N ILE A 76 19.18 4.17 10.05
CA ILE A 76 19.20 3.79 8.63
C ILE A 76 17.83 4.01 8.00
N SER A 77 17.00 4.84 8.63
CA SER A 77 15.71 5.24 8.08
C SER A 77 14.86 4.04 7.66
N THR A 78 14.71 3.09 8.57
CA THR A 78 14.05 1.83 8.27
C THR A 78 13.06 1.47 9.37
N ALA A 79 11.92 0.92 8.95
CA ALA A 79 10.93 0.34 9.84
C ALA A 79 10.82 -1.15 9.56
N TYR A 80 10.46 -1.92 10.59
CA TYR A 80 10.44 -3.37 10.50
C TYR A 80 9.08 -3.91 10.89
N LEU A 81 8.81 -5.11 10.39
CA LEU A 81 7.71 -5.97 10.84
C LEU A 81 8.31 -7.34 11.11
N GLN A 82 7.99 -7.91 12.28
CA GLN A 82 8.75 -9.05 12.80
C GLN A 82 7.84 -10.07 13.44
N TRP A 83 8.03 -11.35 13.08
CA TRP A 83 7.35 -12.46 13.71
C TRP A 83 8.38 -13.36 14.38
N SER A 84 8.00 -13.95 15.51
CA SER A 84 8.84 -14.93 16.18
C SER A 84 8.45 -16.37 15.85
N SER A 85 7.20 -16.61 15.48
CA SER A 85 6.76 -17.95 15.06
C SER A 85 5.70 -17.75 13.98
N LEU A 86 6.04 -18.09 12.74
CA LEU A 86 5.13 -17.88 11.61
C LEU A 86 4.08 -18.98 11.55
N LYS A 87 2.91 -18.61 11.04
CA LYS A 87 1.83 -19.55 10.78
C LYS A 87 1.44 -19.47 9.31
N ALA A 88 0.85 -20.56 8.80
CA ALA A 88 0.37 -20.56 7.43
C ALA A 88 -0.60 -19.42 7.18
N SER A 89 -1.41 -19.07 8.17
CA SER A 89 -2.36 -17.96 8.01
C SER A 89 -1.69 -16.61 7.84
N ASP A 90 -0.37 -16.52 8.07
CA ASP A 90 0.33 -15.26 7.84
C ASP A 90 0.67 -15.02 6.38
N THR A 91 0.40 -15.98 5.50
CA THR A 91 0.65 -15.79 4.08
C THR A 91 -0.15 -14.63 3.55
N ALA A 92 0.55 -13.59 3.08
CA ALA A 92 -0.11 -12.37 2.63
C ALA A 92 0.95 -11.42 2.12
N ILE A 93 0.48 -10.30 1.56
CA ILE A 93 1.34 -9.18 1.20
C ILE A 93 1.25 -8.14 2.31
N TYR A 94 2.41 -7.61 2.70
CA TYR A 94 2.49 -6.60 3.75
C TYR A 94 3.05 -5.32 3.16
N TYR A 95 2.34 -4.21 3.36
CA TYR A 95 2.77 -2.90 2.92
C TYR A 95 3.15 -2.04 4.12
N CYS A 96 4.13 -1.18 3.94
CA CYS A 96 4.38 -0.08 4.84
C CYS A 96 3.93 1.19 4.14
N ALA A 97 3.51 2.18 4.94
CA ALA A 97 2.93 3.40 4.42
C ALA A 97 3.22 4.53 5.39
N ARG A 98 3.48 5.70 4.84
CA ARG A 98 3.71 6.90 5.62
C ARG A 98 2.39 7.61 5.85
N LEU A 99 2.16 8.05 7.08
CA LEU A 99 1.04 8.94 7.40
C LEU A 99 1.44 10.37 7.08
N LEU A 100 0.64 11.03 6.24
CA LEU A 100 0.88 12.45 5.98
C LEU A 100 0.96 13.23 7.29
N TYR A 101 0.13 12.86 8.27
CA TYR A 101 0.23 13.41 9.61
C TYR A 101 -0.57 12.55 10.57
N TYR A 102 -0.31 12.74 11.86
CA TYR A 102 -0.84 11.82 12.87
C TYR A 102 -2.32 12.06 13.13
N SER A 103 -2.76 13.30 13.10
CA SER A 103 -4.10 13.62 13.57
C SER A 103 -5.13 13.53 12.44
N ASP A 104 -6.40 13.61 12.84
CA ASP A 104 -7.53 13.77 11.92
C ASP A 104 -7.60 12.57 10.98
N SER A 105 -7.66 12.77 9.65
CA SER A 105 -7.84 11.64 8.75
C SER A 105 -6.59 10.78 8.60
N SER A 106 -5.42 11.25 9.04
CA SER A 106 -4.23 10.43 9.14
C SER A 106 -3.94 9.62 7.83
N PRO A 107 -4.01 10.31 6.68
CA PRO A 107 -4.00 9.55 5.43
C PRO A 107 -2.64 8.95 5.11
N LEU A 108 -2.68 7.80 4.45
CA LEU A 108 -1.47 7.08 4.04
C LEU A 108 -1.12 7.54 2.64
N ASP A 109 -0.23 8.53 2.55
CA ASP A 109 0.03 9.24 1.29
C ASP A 109 1.17 8.65 0.48
N SER A 110 1.94 7.71 1.03
CA SER A 110 3.05 7.09 0.31
C SER A 110 3.22 5.68 0.83
N TRP A 111 3.16 4.71 -0.09
CA TRP A 111 3.22 3.29 0.23
C TRP A 111 4.49 2.67 -0.36
N GLY A 112 5.04 1.70 0.36
CA GLY A 112 6.02 0.82 -0.22
C GLY A 112 5.37 -0.18 -1.17
N GLN A 113 6.20 -0.86 -1.96
CA GLN A 113 5.66 -1.72 -3.03
C GLN A 113 5.07 -3.03 -2.50
N GLY A 114 5.36 -3.39 -1.26
CA GLY A 114 4.81 -4.58 -0.67
C GLY A 114 5.84 -5.69 -0.58
N THR A 115 5.68 -6.55 0.43
CA THR A 115 6.53 -7.72 0.62
C THR A 115 5.62 -8.94 0.69
N LEU A 116 5.74 -9.84 -0.27
CA LEU A 116 5.01 -11.09 -0.23
C LEU A 116 5.68 -12.06 0.73
N VAL A 117 4.91 -12.58 1.67
CA VAL A 117 5.36 -13.57 2.64
C VAL A 117 4.54 -14.83 2.41
N THR A 118 5.23 -15.94 2.16
CA THR A 118 4.59 -17.22 1.93
C THR A 118 5.06 -18.19 3.01
N VAL A 119 4.13 -18.68 3.81
CA VAL A 119 4.41 -19.65 4.85
C VAL A 119 3.88 -20.99 4.37
N SER A 120 4.77 -21.97 4.27
CA SER A 120 4.40 -23.30 3.81
C SER A 120 5.38 -24.30 4.39
N SER A 121 4.86 -25.46 4.76
CA SER A 121 5.70 -26.55 5.23
C SER A 121 6.49 -27.20 4.10
N ALA A 122 6.12 -26.96 2.85
CA ALA A 122 6.77 -27.64 1.75
C ALA A 122 8.14 -27.07 1.48
N SER A 123 8.97 -27.88 0.82
CA SER A 123 10.28 -27.49 0.34
C SER A 123 10.25 -27.44 -1.18
N THR A 124 11.34 -26.93 -1.76
CA THR A 124 11.43 -26.79 -3.21
C THR A 124 11.11 -28.12 -3.88
N LYS A 125 10.17 -28.08 -4.82
CA LYS A 125 9.71 -29.29 -5.48
C LYS A 125 9.25 -28.97 -6.90
N GLY A 126 9.73 -29.75 -7.87
CA GLY A 126 9.34 -29.60 -9.25
C GLY A 126 7.93 -30.11 -9.50
N PRO A 127 7.28 -29.58 -10.53
CA PRO A 127 5.87 -29.93 -10.78
C PRO A 127 5.71 -31.25 -11.53
N SER A 128 4.51 -31.81 -11.41
CA SER A 128 4.04 -32.87 -12.28
C SER A 128 3.12 -32.26 -13.32
N VAL A 129 3.36 -32.57 -14.59
CA VAL A 129 2.63 -31.97 -15.70
C VAL A 129 1.76 -33.05 -16.32
N PHE A 130 0.44 -32.89 -16.20
CA PHE A 130 -0.56 -33.81 -16.71
C PHE A 130 -1.33 -33.21 -17.88
N PRO A 131 -1.76 -34.02 -18.84
CA PRO A 131 -2.51 -33.49 -19.98
C PRO A 131 -3.98 -33.26 -19.64
N LEU A 132 -4.50 -32.15 -20.15
CA LEU A 132 -5.94 -31.89 -20.15
C LEU A 132 -6.40 -32.17 -21.57
N ALA A 133 -6.80 -33.39 -21.82
CA ALA A 133 -6.96 -33.86 -23.19
C ALA A 133 -8.34 -33.51 -23.74
N PRO A 134 -8.42 -33.03 -24.98
CA PRO A 134 -9.73 -32.77 -25.57
C PRO A 134 -10.42 -34.05 -26.01
N SER A 135 -11.76 -34.00 -25.98
CA SER A 135 -12.58 -35.10 -26.45
C SER A 135 -13.50 -34.71 -27.59
N SER A 136 -13.43 -33.45 -28.05
CA SER A 136 -14.30 -32.98 -29.12
C SER A 136 -13.91 -33.64 -30.44
N LYS A 137 -14.94 -33.98 -31.22
CA LYS A 137 -14.69 -34.55 -32.54
C LYS A 137 -14.15 -33.48 -33.47
N SER A 138 -13.17 -33.87 -34.30
CA SER A 138 -12.44 -32.90 -35.11
C SER A 138 -13.34 -32.18 -36.12
N THR A 139 -14.33 -32.87 -36.68
CA THR A 139 -15.17 -32.31 -37.73
C THR A 139 -16.45 -31.70 -37.19
N SER A 140 -16.62 -31.65 -35.87
CA SER A 140 -17.89 -31.21 -35.28
C SER A 140 -18.13 -29.73 -35.48
N GLY A 141 -17.08 -28.94 -35.68
CA GLY A 141 -17.21 -27.50 -35.71
C GLY A 141 -17.16 -26.91 -34.33
N GLY A 142 -17.22 -25.57 -34.29
CA GLY A 142 -17.12 -24.88 -33.02
C GLY A 142 -15.69 -24.90 -32.51
N THR A 143 -15.55 -24.80 -31.19
CA THR A 143 -14.26 -24.66 -30.55
C THR A 143 -14.00 -25.88 -29.65
N ALA A 144 -12.72 -26.23 -29.55
CA ALA A 144 -12.25 -27.30 -28.67
C ALA A 144 -11.31 -26.69 -27.62
N ALA A 145 -11.21 -27.36 -26.47
CA ALA A 145 -10.38 -26.90 -25.36
C ALA A 145 -9.36 -27.96 -25.00
N LEU A 146 -8.18 -27.50 -24.59
CA LEU A 146 -6.99 -28.32 -24.47
C LEU A 146 -6.05 -27.63 -23.49
N GLY A 147 -5.36 -28.40 -22.64
CA GLY A 147 -4.51 -27.75 -21.66
C GLY A 147 -3.53 -28.69 -20.99
N CYS A 148 -2.81 -28.13 -20.01
CA CYS A 148 -1.88 -28.87 -19.17
C CYS A 148 -2.13 -28.52 -17.70
N LEU A 149 -2.04 -29.53 -16.83
CA LEU A 149 -2.20 -29.33 -15.40
C LEU A 149 -0.83 -29.41 -14.74
N VAL A 150 -0.38 -28.29 -14.17
CA VAL A 150 0.91 -28.18 -13.51
C VAL A 150 0.65 -28.31 -12.02
N LYS A 151 0.95 -29.48 -11.45
CA LYS A 151 0.53 -29.82 -10.10
C LYS A 151 1.74 -29.98 -9.17
N ASP A 152 1.51 -29.62 -7.90
CA ASP A 152 2.38 -29.96 -6.78
C ASP A 152 3.83 -29.50 -7.03
N TYR A 153 4.00 -28.18 -7.02
CA TYR A 153 5.32 -27.58 -7.10
C TYR A 153 5.45 -26.49 -6.04
N PHE A 154 6.69 -26.06 -5.83
CA PHE A 154 7.04 -25.07 -4.81
C PHE A 154 8.49 -24.67 -5.01
N PRO A 155 8.84 -23.37 -4.93
CA PRO A 155 8.02 -22.16 -4.70
C PRO A 155 7.13 -21.80 -5.89
N GLU A 156 6.80 -20.52 -6.02
CA GLU A 156 5.73 -20.07 -6.92
C GLU A 156 6.16 -19.94 -8.38
N PRO A 157 7.29 -19.31 -8.69
CA PRO A 157 7.58 -18.97 -10.09
C PRO A 157 7.54 -20.17 -11.03
N VAL A 158 6.53 -20.23 -11.88
CA VAL A 158 6.48 -21.22 -12.96
C VAL A 158 6.01 -20.52 -14.22
N THR A 159 6.57 -20.90 -15.36
CA THR A 159 6.16 -20.36 -16.65
C THR A 159 5.76 -21.49 -17.57
N VAL A 160 4.84 -21.19 -18.49
CA VAL A 160 4.33 -22.18 -19.42
C VAL A 160 4.09 -21.51 -20.75
N SER A 161 4.55 -22.16 -21.82
CA SER A 161 4.27 -21.73 -23.19
C SER A 161 3.69 -22.90 -23.95
N TRP A 162 3.17 -22.61 -25.13
CA TRP A 162 2.54 -23.61 -25.98
C TRP A 162 3.25 -23.67 -27.32
N ASN A 163 3.57 -24.88 -27.76
CA ASN A 163 4.33 -25.12 -28.98
C ASN A 163 5.52 -24.16 -29.07
N SER A 164 6.36 -24.23 -28.05
CA SER A 164 7.40 -23.24 -27.82
C SER A 164 6.68 -21.90 -27.73
N GLY A 165 7.15 -20.85 -28.37
CA GLY A 165 6.42 -19.61 -28.36
C GLY A 165 5.45 -19.42 -29.50
N ALA A 166 5.21 -20.46 -30.31
CA ALA A 166 4.48 -20.29 -31.55
C ALA A 166 2.98 -20.14 -31.35
N LEU A 167 2.44 -20.70 -30.27
CA LEU A 167 1.01 -20.67 -29.99
C LEU A 167 0.74 -19.77 -28.79
N THR A 168 0.05 -18.66 -29.04
CA THR A 168 -0.24 -17.69 -27.98
C THR A 168 -1.69 -17.25 -27.99
N SER A 169 -2.30 -17.19 -29.18
CA SER A 169 -3.70 -16.80 -29.26
C SER A 169 -4.60 -17.85 -28.63
N GLY A 170 -5.58 -17.38 -27.85
CA GLY A 170 -6.51 -18.27 -27.19
C GLY A 170 -5.98 -18.98 -25.98
N VAL A 171 -4.79 -18.62 -25.52
CA VAL A 171 -4.19 -19.25 -24.35
C VAL A 171 -4.64 -18.51 -23.09
N HIS A 172 -4.90 -19.27 -22.03
CA HIS A 172 -5.17 -18.71 -20.71
C HIS A 172 -4.41 -19.53 -19.69
N THR A 173 -3.36 -18.96 -19.14
CA THR A 173 -2.65 -19.56 -18.02
C THR A 173 -3.20 -18.96 -16.73
N PHE A 174 -3.75 -19.80 -15.90
CA PHE A 174 -4.44 -19.31 -14.72
C PHE A 174 -3.48 -19.06 -13.58
N PRO A 175 -3.83 -18.15 -12.66
CA PRO A 175 -3.04 -18.01 -11.43
C PRO A 175 -3.00 -19.31 -10.66
N ALA A 176 -1.86 -19.58 -10.04
CA ALA A 176 -1.72 -20.77 -9.21
C ALA A 176 -2.57 -20.62 -7.95
N VAL A 177 -3.06 -21.74 -7.44
CA VAL A 177 -3.69 -21.82 -6.13
C VAL A 177 -2.76 -22.59 -5.20
N LEU A 178 -2.78 -22.22 -3.92
CA LEU A 178 -2.02 -22.92 -2.90
C LEU A 178 -2.91 -24.00 -2.29
N GLN A 179 -2.57 -25.26 -2.54
CA GLN A 179 -3.36 -26.37 -2.05
C GLN A 179 -3.17 -26.53 -0.54
N SER A 180 -4.04 -27.35 0.05
CA SER A 180 -3.95 -27.66 1.48
C SER A 180 -2.60 -28.28 1.83
N SER A 181 -1.88 -28.81 0.85
CA SER A 181 -0.60 -29.46 1.09
C SER A 181 0.56 -28.46 1.14
N GLY A 182 0.29 -27.18 0.99
CA GLY A 182 1.37 -26.22 0.91
C GLY A 182 2.08 -26.23 -0.42
N LEU A 183 1.48 -26.83 -1.44
CA LEU A 183 2.06 -26.89 -2.78
C LEU A 183 1.14 -26.18 -3.77
N TYR A 184 1.75 -25.52 -4.74
CA TYR A 184 1.00 -24.79 -5.75
C TYR A 184 0.49 -25.74 -6.82
N SER A 185 -0.65 -25.36 -7.41
CA SER A 185 -1.23 -26.07 -8.55
C SER A 185 -1.73 -25.03 -9.55
N LEU A 186 -1.41 -25.26 -10.81
CA LEU A 186 -1.70 -24.31 -11.88
C LEU A 186 -2.23 -25.07 -13.08
N SER A 187 -3.02 -24.38 -13.88
CA SER A 187 -3.54 -24.95 -15.12
C SER A 187 -3.35 -23.95 -16.24
N SER A 188 -2.88 -24.43 -17.39
CA SER A 188 -2.77 -23.63 -18.60
C SER A 188 -3.60 -24.29 -19.70
N VAL A 189 -4.37 -23.48 -20.41
CA VAL A 189 -5.30 -24.00 -21.41
C VAL A 189 -5.22 -23.16 -22.67
N VAL A 190 -5.66 -23.74 -23.77
CA VAL A 190 -5.82 -23.03 -25.03
C VAL A 190 -7.08 -23.57 -25.71
N THR A 191 -7.81 -22.68 -26.37
CA THR A 191 -8.96 -23.07 -27.18
C THR A 191 -8.61 -22.92 -28.65
N VAL A 192 -8.97 -23.91 -29.44
CA VAL A 192 -8.66 -23.93 -30.87
C VAL A 192 -9.87 -24.44 -31.63
N PRO A 193 -9.93 -24.15 -32.93
CA PRO A 193 -11.05 -24.66 -33.73
C PRO A 193 -11.08 -26.18 -33.70
N SER A 194 -12.30 -26.73 -33.67
CA SER A 194 -12.46 -28.18 -33.72
C SER A 194 -11.69 -28.75 -34.90
N SER A 195 -11.81 -28.12 -36.07
CA SER A 195 -11.15 -28.62 -37.27
C SER A 195 -9.64 -28.78 -37.05
N SER A 196 -9.01 -27.83 -36.36
CA SER A 196 -7.56 -27.88 -36.19
C SER A 196 -7.11 -29.02 -35.29
N LEU A 197 -8.01 -29.67 -34.56
CA LEU A 197 -7.60 -30.81 -33.76
C LEU A 197 -7.03 -31.94 -34.63
N GLY A 198 -7.34 -31.95 -35.93
CA GLY A 198 -6.89 -33.02 -36.80
C GLY A 198 -5.61 -32.75 -37.56
N THR A 199 -5.08 -31.53 -37.50
CA THR A 199 -3.93 -31.13 -38.29
C THR A 199 -2.72 -30.76 -37.44
N GLN A 200 -2.90 -30.04 -36.34
CA GLN A 200 -1.77 -29.51 -35.59
C GLN A 200 -1.59 -30.27 -34.29
N THR A 201 -0.32 -30.39 -33.87
CA THR A 201 0.04 -30.95 -32.58
C THR A 201 0.12 -29.84 -31.53
N TYR A 202 -0.03 -30.23 -30.27
CA TYR A 202 -0.05 -29.25 -29.18
C TYR A 202 0.82 -29.75 -28.04
N ILE A 203 1.82 -28.95 -27.68
CA ILE A 203 2.76 -29.27 -26.61
C ILE A 203 2.87 -28.06 -25.70
N CYS A 204 2.69 -28.26 -24.40
CA CYS A 204 2.95 -27.20 -23.45
C CYS A 204 4.37 -27.33 -22.93
N ASN A 205 5.03 -26.19 -22.73
CA ASN A 205 6.42 -26.13 -22.30
C ASN A 205 6.44 -25.51 -20.91
N VAL A 206 6.58 -26.34 -19.88
CA VAL A 206 6.50 -25.91 -18.49
C VAL A 206 7.90 -25.75 -17.95
N ASN A 207 8.18 -24.58 -17.35
CA ASN A 207 9.50 -24.27 -16.83
C ASN A 207 9.37 -23.84 -15.38
N HIS A 208 10.17 -24.45 -14.50
CA HIS A 208 10.17 -24.15 -13.06
C HIS A 208 11.63 -23.96 -12.63
N LYS A 209 12.12 -22.73 -12.71
CA LYS A 209 13.53 -22.48 -12.41
C LYS A 209 13.95 -22.88 -11.01
N PRO A 210 13.16 -22.65 -9.96
CA PRO A 210 13.64 -22.98 -8.60
C PRO A 210 14.15 -24.40 -8.45
N SER A 211 13.51 -25.36 -9.11
CA SER A 211 13.94 -26.75 -9.08
C SER A 211 14.67 -27.15 -10.36
N ASN A 212 14.98 -26.21 -11.24
CA ASN A 212 15.65 -26.50 -12.50
C ASN A 212 14.91 -27.61 -13.25
N THR A 213 13.62 -27.42 -13.42
CA THR A 213 12.75 -28.37 -14.12
C THR A 213 12.28 -27.76 -15.43
N LYS A 214 12.38 -28.53 -16.51
CA LYS A 214 11.82 -28.14 -17.81
C LYS A 214 11.14 -29.36 -18.39
N VAL A 215 9.83 -29.27 -18.61
CA VAL A 215 9.04 -30.38 -19.13
C VAL A 215 8.26 -29.89 -20.34
N ASP A 216 8.33 -30.65 -21.42
CA ASP A 216 7.44 -30.51 -22.56
C ASP A 216 6.46 -31.67 -22.50
N LYS A 217 5.17 -31.39 -22.69
CA LYS A 217 4.15 -32.43 -22.61
C LYS A 217 3.19 -32.29 -23.79
N ARG A 218 3.12 -33.35 -24.60
CA ARG A 218 2.10 -33.43 -25.65
C ARG A 218 0.75 -33.76 -25.06
N VAL A 219 -0.29 -33.14 -25.60
CA VAL A 219 -1.66 -33.43 -25.20
C VAL A 219 -2.39 -33.92 -26.44
N GLU A 220 -2.84 -35.17 -26.40
CA GLU A 220 -3.57 -35.79 -27.49
C GLU A 220 -4.96 -36.18 -27.02
N PRO A 221 -5.95 -36.19 -27.91
CA PRO A 221 -7.31 -36.59 -27.53
C PRO A 221 -7.46 -38.08 -27.29
N ASP B 1 -14.90 -2.38 16.38
CA ASP B 1 -14.33 -1.89 15.10
C ASP B 1 -15.42 -1.28 14.21
N ILE B 2 -15.18 -0.08 13.70
CA ILE B 2 -16.10 0.51 12.73
C ILE B 2 -16.07 -0.32 11.46
N GLN B 3 -17.26 -0.68 10.96
CA GLN B 3 -17.40 -1.51 9.77
C GLN B 3 -17.67 -0.63 8.56
N MET B 4 -16.82 -0.75 7.55
CA MET B 4 -16.93 0.05 6.33
C MET B 4 -17.51 -0.80 5.20
N THR B 5 -18.47 -0.22 4.49
CA THR B 5 -19.18 -0.86 3.40
C THR B 5 -19.07 -0.02 2.14
N GLN B 6 -19.06 -0.69 0.99
CA GLN B 6 -18.97 -0.02 -0.30
C GLN B 6 -19.98 -0.61 -1.25
N SER B 7 -20.64 0.24 -2.03
CA SER B 7 -21.56 -0.22 -3.05
C SER B 7 -21.36 0.59 -4.32
N PRO B 8 -21.46 -0.05 -5.50
CA PRO B 8 -21.68 -1.48 -5.67
C PRO B 8 -20.41 -2.25 -5.40
N SER B 9 -20.48 -3.56 -5.17
CA SER B 9 -19.27 -4.34 -4.97
C SER B 9 -18.44 -4.43 -6.25
N SER B 10 -19.11 -4.34 -7.40
CA SER B 10 -18.44 -4.34 -8.71
C SER B 10 -19.22 -3.43 -9.64
N LEU B 11 -18.50 -2.84 -10.60
CA LEU B 11 -19.07 -1.85 -11.50
C LEU B 11 -18.50 -2.05 -12.89
N SER B 12 -19.38 -2.14 -13.87
CA SER B 12 -18.98 -2.10 -15.27
C SER B 12 -19.17 -0.68 -15.78
N ALA B 13 -18.11 -0.13 -16.38
CA ALA B 13 -18.15 1.23 -16.91
C ALA B 13 -17.37 1.32 -18.21
N SER B 14 -17.63 2.39 -18.95
CA SER B 14 -16.96 2.63 -20.22
C SER B 14 -16.17 3.92 -20.13
N VAL B 15 -15.09 4.01 -20.91
CA VAL B 15 -14.32 5.25 -20.97
C VAL B 15 -15.25 6.41 -21.25
N GLY B 16 -15.06 7.50 -20.51
CA GLY B 16 -15.89 8.67 -20.65
C GLY B 16 -17.09 8.72 -19.73
N ASP B 17 -17.45 7.62 -19.08
CA ASP B 17 -18.59 7.61 -18.17
C ASP B 17 -18.29 8.41 -16.91
N ARG B 18 -19.36 8.96 -16.32
CA ARG B 18 -19.30 9.48 -14.97
C ARG B 18 -19.63 8.36 -14.01
N VAL B 19 -18.68 8.03 -13.14
CA VAL B 19 -18.80 6.90 -12.23
C VAL B 19 -18.83 7.43 -10.80
N THR B 20 -19.74 6.87 -10.00
CA THR B 20 -19.85 7.21 -8.58
C THR B 20 -19.86 5.92 -7.77
N ILE B 21 -19.00 5.88 -6.76
CA ILE B 21 -18.89 4.77 -5.82
C ILE B 21 -19.23 5.32 -4.44
N THR B 22 -19.95 4.52 -3.65
CA THR B 22 -20.38 4.93 -2.33
C THR B 22 -19.69 4.10 -1.25
N CYS B 23 -19.49 4.74 -0.10
CA CYS B 23 -18.92 4.12 1.09
C CYS B 23 -19.82 4.45 2.26
N ARG B 24 -20.14 3.45 3.08
CA ARG B 24 -20.97 3.67 4.26
C ARG B 24 -20.25 3.14 5.49
N ALA B 25 -20.26 3.93 6.57
CA ALA B 25 -19.69 3.55 7.85
C ALA B 25 -20.79 3.16 8.85
N SER B 26 -20.50 2.17 9.68
CA SER B 26 -21.49 1.69 10.64
C SER B 26 -21.79 2.72 11.73
N GLN B 27 -21.04 3.81 11.81
CA GLN B 27 -21.33 4.92 12.70
C GLN B 27 -20.69 6.16 12.12
N SER B 28 -21.07 7.32 12.64
CA SER B 28 -20.56 8.59 12.12
C SER B 28 -19.05 8.68 12.27
N ILE B 29 -18.38 9.22 11.25
CA ILE B 29 -16.94 9.37 11.26
C ILE B 29 -16.56 10.78 10.82
N SER B 30 -17.45 11.75 11.06
CA SER B 30 -17.32 13.08 10.49
C SER B 30 -16.87 12.97 9.04
N THR B 31 -15.73 13.60 8.69
CA THR B 31 -15.14 13.54 7.36
C THR B 31 -13.74 12.91 7.39
N TYR B 32 -13.50 12.08 8.40
CA TYR B 32 -12.25 11.34 8.55
C TYR B 32 -12.32 10.09 7.68
N LEU B 33 -12.32 10.32 6.38
CA LEU B 33 -12.48 9.26 5.40
C LEU B 33 -11.52 9.50 4.24
N ASN B 34 -10.82 8.44 3.84
CA ASN B 34 -9.86 8.48 2.75
C ASN B 34 -10.22 7.47 1.67
N TRP B 35 -9.86 7.78 0.43
CA TRP B 35 -10.12 6.90 -0.71
C TRP B 35 -8.82 6.53 -1.38
N TYR B 36 -8.67 5.24 -1.70
CA TYR B 36 -7.46 4.73 -2.32
C TYR B 36 -7.79 3.93 -3.58
N GLN B 37 -6.84 3.92 -4.50
CA GLN B 37 -6.91 3.15 -5.73
C GLN B 37 -5.87 2.05 -5.68
N GLN B 38 -6.24 0.85 -6.13
CA GLN B 38 -5.29 -0.25 -6.24
C GLN B 38 -5.53 -1.01 -7.53
N LYS B 39 -4.44 -1.32 -8.25
CA LYS B 39 -4.42 -2.14 -9.44
C LYS B 39 -3.64 -3.43 -9.17
N PRO B 40 -3.96 -4.51 -9.87
CA PRO B 40 -3.29 -5.79 -9.60
C PRO B 40 -1.78 -5.65 -9.61
N GLY B 41 -1.15 -6.36 -8.68
CA GLY B 41 0.29 -6.36 -8.54
C GLY B 41 0.87 -5.08 -8.00
N LYS B 42 0.04 -4.08 -7.70
CA LYS B 42 0.54 -2.79 -7.26
C LYS B 42 0.08 -2.50 -5.84
N ALA B 43 0.75 -1.57 -5.22
CA ALA B 43 0.39 -1.04 -3.92
C ALA B 43 -0.64 0.07 -4.06
N PRO B 44 -1.52 0.24 -3.08
CA PRO B 44 -2.54 1.30 -3.17
C PRO B 44 -1.92 2.69 -3.32
N ASN B 45 -2.72 3.61 -3.87
CA ASN B 45 -2.36 5.01 -4.03
C ASN B 45 -3.47 5.88 -3.46
N LEU B 46 -3.09 6.89 -2.69
CA LEU B 46 -4.05 7.80 -2.07
C LEU B 46 -4.66 8.72 -3.11
N LEU B 47 -5.99 8.75 -3.17
CA LEU B 47 -6.74 9.64 -4.05
C LEU B 47 -7.32 10.83 -3.30
N ILE B 48 -8.10 10.56 -2.25
CA ILE B 48 -8.84 11.57 -1.49
C ILE B 48 -8.59 11.33 -0.01
N TYR B 49 -8.43 12.42 0.75
CA TYR B 49 -8.35 12.35 2.21
C TYR B 49 -9.26 13.42 2.82
N ALA B 50 -9.65 13.17 4.07
CA ALA B 50 -10.62 14.01 4.76
C ALA B 50 -11.86 14.24 3.91
N ALA B 51 -12.34 13.17 3.28
CA ALA B 51 -13.59 13.13 2.53
C ALA B 51 -13.53 13.83 1.17
N SER B 52 -12.90 15.00 1.07
CA SER B 52 -12.97 15.76 -0.17
C SER B 52 -11.67 16.44 -0.56
N SER B 53 -10.59 16.25 0.18
CA SER B 53 -9.31 16.86 -0.17
C SER B 53 -8.62 15.97 -1.20
N LEU B 54 -8.27 16.57 -2.34
CA LEU B 54 -7.63 15.84 -3.44
C LEU B 54 -6.12 15.78 -3.21
N GLN B 55 -5.57 14.57 -3.20
CA GLN B 55 -4.14 14.42 -3.02
C GLN B 55 -3.41 15.01 -4.22
N SER B 56 -2.28 15.65 -3.95
CA SER B 56 -1.50 16.28 -5.02
C SER B 56 -1.01 15.22 -5.99
N GLY B 57 -1.00 15.59 -7.28
CA GLY B 57 -0.66 14.67 -8.34
C GLY B 57 -1.82 13.84 -8.85
N VAL B 58 -2.93 13.82 -8.15
CA VAL B 58 -4.11 13.05 -8.55
C VAL B 58 -4.88 13.86 -9.58
N PRO B 59 -5.37 13.25 -10.67
CA PRO B 59 -6.13 14.03 -11.66
C PRO B 59 -7.38 14.66 -11.07
N SER B 60 -7.72 15.83 -11.60
CA SER B 60 -8.85 16.60 -11.09
C SER B 60 -10.19 15.90 -11.30
N ARG B 61 -10.26 14.92 -12.20
CA ARG B 61 -11.53 14.22 -12.43
C ARG B 61 -11.99 13.40 -11.23
N PHE B 62 -11.11 13.17 -10.24
CA PHE B 62 -11.50 12.50 -9.00
C PHE B 62 -11.98 13.53 -7.98
N SER B 63 -13.05 13.22 -7.28
CA SER B 63 -13.55 14.09 -6.22
C SER B 63 -14.31 13.27 -5.20
N GLY B 64 -14.27 13.73 -3.96
CA GLY B 64 -14.96 13.07 -2.87
C GLY B 64 -15.92 14.02 -2.17
N SER B 65 -17.00 13.46 -1.64
CA SER B 65 -17.96 14.22 -0.87
C SER B 65 -18.61 13.27 0.13
N GLY B 66 -19.40 13.86 1.03
CA GLY B 66 -20.08 13.12 2.07
C GLY B 66 -19.57 13.46 3.46
N SER B 67 -20.30 12.96 4.45
CA SER B 67 -19.92 13.13 5.85
C SER B 67 -20.78 12.18 6.69
N GLY B 68 -20.41 12.05 7.95
CA GLY B 68 -21.14 11.20 8.85
C GLY B 68 -21.04 9.73 8.52
N THR B 69 -22.06 9.18 7.89
CA THR B 69 -22.05 7.78 7.49
C THR B 69 -22.05 7.55 5.98
N ASP B 70 -22.29 8.58 5.17
CA ASP B 70 -22.44 8.43 3.72
C ASP B 70 -21.33 9.17 3.01
N PHE B 71 -20.63 8.48 2.12
CA PHE B 71 -19.57 9.11 1.33
C PHE B 71 -19.63 8.59 -0.10
N THR B 72 -19.11 9.41 -1.01
CA THR B 72 -19.12 9.08 -2.43
C THR B 72 -17.80 9.49 -3.05
N LEU B 73 -17.27 8.61 -3.91
CA LEU B 73 -16.17 8.94 -4.79
C LEU B 73 -16.73 9.09 -6.19
N THR B 74 -16.42 10.20 -6.85
CA THR B 74 -16.87 10.45 -8.22
C THR B 74 -15.67 10.64 -9.13
N ILE B 75 -15.74 10.03 -10.31
CA ILE B 75 -14.81 10.28 -11.40
C ILE B 75 -15.61 10.92 -12.53
N SER B 76 -15.25 12.16 -12.89
CA SER B 76 -16.03 12.89 -13.87
C SER B 76 -16.11 12.14 -15.20
N SER B 77 -14.95 11.77 -15.76
CA SER B 77 -14.88 11.09 -17.05
C SER B 77 -13.87 9.95 -16.92
N LEU B 78 -14.38 8.72 -16.90
CA LEU B 78 -13.53 7.55 -16.71
C LEU B 78 -12.51 7.45 -17.84
N GLN B 79 -11.26 7.24 -17.46
CA GLN B 79 -10.16 7.08 -18.40
C GLN B 79 -9.58 5.68 -18.34
N PRO B 80 -8.87 5.24 -19.38
CA PRO B 80 -8.33 3.87 -19.38
C PRO B 80 -7.53 3.53 -18.15
N GLU B 81 -6.80 4.48 -17.59
CA GLU B 81 -5.98 4.25 -16.39
C GLU B 81 -6.82 4.08 -15.14
N ASP B 82 -8.13 4.32 -15.20
CA ASP B 82 -8.96 4.36 -14.01
C ASP B 82 -9.63 3.04 -13.69
N PHE B 83 -9.50 2.05 -14.57
CA PHE B 83 -10.05 0.73 -14.29
C PHE B 83 -9.18 0.05 -13.23
N ALA B 84 -9.76 -0.17 -12.05
CA ALA B 84 -9.02 -0.63 -10.89
C ALA B 84 -10.02 -0.86 -9.75
N THR B 85 -9.50 -1.15 -8.58
CA THR B 85 -10.29 -1.32 -7.36
C THR B 85 -10.10 -0.10 -6.47
N TYR B 86 -11.19 0.34 -5.84
CA TYR B 86 -11.17 1.52 -4.99
C TYR B 86 -11.63 1.15 -3.59
N TYR B 87 -10.84 1.55 -2.60
CA TYR B 87 -11.10 1.31 -1.20
C TYR B 87 -11.35 2.62 -0.47
N CYS B 88 -12.31 2.62 0.44
CA CYS B 88 -12.43 3.67 1.44
C CYS B 88 -11.82 3.22 2.75
N GLN B 89 -11.47 4.19 3.59
CA GLN B 89 -10.77 3.91 4.84
C GLN B 89 -11.15 4.96 5.85
N GLN B 90 -11.69 4.53 6.99
CA GLN B 90 -12.11 5.45 8.03
C GLN B 90 -10.95 5.67 8.98
N SER B 91 -10.80 6.93 9.42
CA SER B 91 -9.79 7.31 10.38
C SER B 91 -10.39 7.94 11.64
N HIS B 92 -11.67 7.71 11.90
CA HIS B 92 -12.30 8.29 13.09
C HIS B 92 -11.88 7.54 14.35
N SER B 93 -11.75 6.22 14.24
CA SER B 93 -11.49 5.39 15.41
C SER B 93 -10.31 4.48 15.15
N THR B 94 -9.73 4.02 16.23
CA THR B 94 -8.73 2.97 16.19
C THR B 94 -9.37 1.66 16.61
N PRO B 95 -9.18 0.55 15.89
CA PRO B 95 -8.30 0.45 14.72
C PRO B 95 -8.88 1.05 13.44
N ARG B 96 -8.02 1.68 12.66
CA ARG B 96 -8.39 2.07 11.30
C ARG B 96 -8.92 0.85 10.56
N THR B 97 -9.91 1.07 9.71
CA THR B 97 -10.54 -0.01 8.96
C THR B 97 -10.82 0.45 7.54
N PHE B 98 -10.73 -0.49 6.60
CA PHE B 98 -10.97 -0.25 5.20
C PHE B 98 -12.30 -0.87 4.77
N GLY B 99 -12.88 -0.32 3.70
CA GLY B 99 -13.99 -0.97 3.05
C GLY B 99 -13.51 -2.12 2.19
N PRO B 100 -14.41 -3.03 1.81
CA PRO B 100 -13.98 -4.22 1.06
C PRO B 100 -13.56 -3.92 -0.38
N GLY B 101 -13.74 -2.70 -0.84
CA GLY B 101 -13.30 -2.33 -2.18
C GLY B 101 -14.37 -2.60 -3.23
N THR B 102 -14.33 -1.80 -4.29
CA THR B 102 -15.23 -1.98 -5.41
C THR B 102 -14.41 -1.95 -6.69
N LYS B 103 -14.42 -3.04 -7.44
CA LYS B 103 -13.67 -3.11 -8.68
C LYS B 103 -14.48 -2.47 -9.80
N VAL B 104 -13.82 -1.73 -10.70
CA VAL B 104 -14.48 -1.05 -11.86
C VAL B 104 -13.89 -1.62 -13.16
N ASP B 105 -14.47 -2.69 -13.71
CA ASP B 105 -14.01 -3.37 -14.95
C ASP B 105 -14.56 -2.63 -16.18
N ILE B 106 -14.03 -2.95 -17.36
CA ILE B 106 -14.43 -2.33 -18.66
C ILE B 106 -15.76 -2.96 -19.10
N LYS B 107 -16.75 -2.18 -19.56
CA LYS B 107 -18.06 -2.67 -19.94
C LYS B 107 -18.03 -3.29 -21.32
N ARG B 108 -18.80 -4.34 -21.49
CA ARG B 108 -18.78 -5.18 -22.67
C ARG B 108 -20.16 -5.81 -22.82
N THR B 109 -20.49 -6.21 -24.06
CA THR B 109 -21.67 -7.04 -24.25
C THR B 109 -21.53 -8.33 -23.48
N VAL B 110 -22.66 -8.84 -23.01
CA VAL B 110 -22.69 -10.08 -22.26
C VAL B 110 -22.24 -11.22 -23.16
N ALA B 111 -21.35 -12.07 -22.66
CA ALA B 111 -20.87 -13.23 -23.39
C ALA B 111 -20.96 -14.46 -22.51
N ALA B 112 -21.70 -15.48 -22.97
CA ALA B 112 -21.81 -16.70 -22.20
C ALA B 112 -20.51 -17.52 -22.31
N PRO B 113 -20.15 -18.27 -21.27
CA PRO B 113 -18.91 -19.05 -21.32
C PRO B 113 -19.02 -20.30 -22.18
N SER B 114 -17.95 -20.62 -22.88
CA SER B 114 -17.77 -21.97 -23.41
C SER B 114 -17.24 -22.83 -22.27
N VAL B 115 -17.93 -23.92 -21.98
CA VAL B 115 -17.58 -24.76 -20.83
C VAL B 115 -17.03 -26.09 -21.31
N PHE B 116 -15.98 -26.57 -20.64
CA PHE B 116 -15.31 -27.81 -21.00
C PHE B 116 -14.93 -28.55 -19.73
N ILE B 117 -15.01 -29.88 -19.75
CA ILE B 117 -14.67 -30.71 -18.62
C ILE B 117 -13.52 -31.63 -19.02
N PHE B 118 -12.57 -31.82 -18.11
CA PHE B 118 -11.40 -32.63 -18.37
C PHE B 118 -11.28 -33.74 -17.33
N PRO B 119 -11.28 -35.01 -17.71
CA PRO B 119 -11.10 -36.07 -16.71
C PRO B 119 -9.67 -36.10 -16.20
N PRO B 120 -9.40 -36.83 -15.13
CA PRO B 120 -8.01 -37.01 -14.68
C PRO B 120 -7.20 -37.77 -15.72
N SER B 121 -5.91 -37.50 -15.76
CA SER B 121 -4.99 -38.23 -16.64
C SER B 121 -4.57 -39.54 -16.02
N ASP B 122 -4.27 -40.51 -16.88
CA ASP B 122 -3.79 -41.81 -16.41
C ASP B 122 -2.52 -41.66 -15.59
N GLU B 123 -1.60 -40.79 -16.05
CA GLU B 123 -0.38 -40.54 -15.28
C GLU B 123 -0.71 -40.19 -13.83
N GLN B 124 -1.56 -39.19 -13.63
CA GLN B 124 -1.91 -38.77 -12.28
C GLN B 124 -2.52 -39.92 -11.49
N LEU B 125 -3.47 -40.64 -12.11
CA LEU B 125 -4.11 -41.77 -11.43
C LEU B 125 -3.09 -42.76 -10.92
N LYS B 126 -1.95 -42.90 -11.60
CA LYS B 126 -0.89 -43.77 -11.10
C LYS B 126 -0.38 -43.30 -9.75
N SER B 127 -0.53 -42.01 -9.42
CA SER B 127 0.05 -41.45 -8.21
C SER B 127 -0.91 -41.48 -7.01
N GLY B 128 -2.18 -41.81 -7.23
CA GLY B 128 -3.12 -41.91 -6.13
C GLY B 128 -4.03 -40.72 -5.94
N THR B 129 -4.09 -39.79 -6.89
CA THR B 129 -4.99 -38.66 -6.82
C THR B 129 -5.64 -38.44 -8.17
N ALA B 130 -6.81 -37.82 -8.15
CA ALA B 130 -7.56 -37.49 -9.34
C ALA B 130 -7.92 -36.02 -9.29
N SER B 131 -7.71 -35.32 -10.41
CA SER B 131 -8.05 -33.92 -10.56
C SER B 131 -8.99 -33.79 -11.74
N VAL B 132 -10.24 -33.41 -11.47
CA VAL B 132 -11.21 -33.12 -12.53
C VAL B 132 -11.26 -31.61 -12.67
N VAL B 133 -11.09 -31.13 -13.90
CA VAL B 133 -11.03 -29.70 -14.19
C VAL B 133 -12.26 -29.31 -14.98
N CYS B 134 -12.83 -28.16 -14.63
CA CYS B 134 -13.92 -27.54 -15.37
C CYS B 134 -13.44 -26.18 -15.83
N LEU B 135 -13.68 -25.86 -17.09
CA LEU B 135 -13.17 -24.64 -17.68
C LEU B 135 -14.30 -23.78 -18.22
N LEU B 136 -14.26 -22.50 -17.87
CA LEU B 136 -15.21 -21.51 -18.34
C LEU B 136 -14.40 -20.48 -19.13
N ASN B 137 -14.69 -20.35 -20.41
CA ASN B 137 -13.85 -19.59 -21.33
C ASN B 137 -14.61 -18.40 -21.92
N ASN B 138 -13.98 -17.22 -21.87
CA ASN B 138 -14.45 -16.03 -22.57
C ASN B 138 -15.89 -15.70 -22.21
N PHE B 139 -16.11 -15.36 -20.94
CA PHE B 139 -17.41 -14.90 -20.50
C PHE B 139 -17.30 -13.49 -19.95
N TYR B 140 -18.44 -12.80 -19.98
CA TYR B 140 -18.62 -11.50 -19.39
C TYR B 140 -20.10 -11.42 -19.03
N PRO B 141 -20.46 -10.86 -17.88
CA PRO B 141 -19.61 -10.29 -16.82
C PRO B 141 -18.83 -11.32 -15.99
N ARG B 142 -18.16 -10.83 -14.95
CA ARG B 142 -17.31 -11.68 -14.12
C ARG B 142 -18.10 -12.73 -13.35
N GLU B 143 -19.32 -12.42 -12.93
CA GLU B 143 -20.08 -13.33 -12.07
C GLU B 143 -20.40 -14.65 -12.77
N ALA B 144 -19.98 -15.74 -12.15
CA ALA B 144 -20.35 -17.07 -12.63
C ALA B 144 -20.23 -18.04 -11.47
N LYS B 145 -21.00 -19.13 -11.54
CA LYS B 145 -21.04 -20.15 -10.49
C LYS B 145 -20.80 -21.52 -11.11
N VAL B 146 -19.93 -22.29 -10.48
CA VAL B 146 -19.67 -23.68 -10.86
C VAL B 146 -20.03 -24.56 -9.68
N GLN B 147 -20.85 -25.61 -9.90
CA GLN B 147 -21.19 -26.59 -8.85
C GLN B 147 -20.79 -27.97 -9.41
N TRP B 148 -19.97 -28.73 -8.69
CA TRP B 148 -19.57 -30.08 -9.04
C TRP B 148 -20.60 -31.08 -8.57
N LYS B 149 -20.94 -32.04 -9.44
CA LYS B 149 -21.84 -33.12 -9.11
C LYS B 149 -21.15 -34.44 -9.39
N VAL B 150 -21.27 -35.38 -8.47
CA VAL B 150 -20.71 -36.72 -8.63
C VAL B 150 -21.87 -37.69 -8.42
N ASP B 151 -22.32 -38.32 -9.51
CA ASP B 151 -23.50 -39.18 -9.47
C ASP B 151 -24.72 -38.39 -8.98
N ASN B 152 -24.84 -37.15 -9.44
CA ASN B 152 -25.93 -36.23 -9.10
C ASN B 152 -25.90 -35.78 -7.64
N ALA B 153 -24.83 -36.07 -6.91
CA ALA B 153 -24.65 -35.58 -5.54
C ALA B 153 -23.71 -34.38 -5.58
N LEU B 154 -24.16 -33.26 -5.02
CA LEU B 154 -23.37 -32.04 -5.10
C LEU B 154 -22.16 -32.12 -4.18
N GLN B 155 -21.06 -31.52 -4.63
CA GLN B 155 -19.82 -31.48 -3.88
C GLN B 155 -19.68 -30.13 -3.19
N SER B 156 -18.91 -30.12 -2.11
CA SER B 156 -18.64 -28.91 -1.35
C SER B 156 -17.27 -29.04 -0.71
N GLY B 157 -16.59 -27.90 -0.54
CA GLY B 157 -15.28 -27.85 0.07
C GLY B 157 -14.29 -28.77 -0.61
N ASN B 158 -14.60 -29.10 -1.87
CA ASN B 158 -13.92 -30.13 -2.63
C ASN B 158 -13.14 -29.59 -3.82
N SER B 159 -13.26 -28.30 -4.11
CA SER B 159 -12.69 -27.74 -5.32
C SER B 159 -12.11 -26.36 -5.03
N GLN B 160 -11.17 -25.96 -5.87
CA GLN B 160 -10.62 -24.62 -5.88
C GLN B 160 -10.73 -24.06 -7.29
N GLU B 161 -11.01 -22.77 -7.39
CA GLU B 161 -11.10 -22.12 -8.69
C GLU B 161 -10.17 -20.92 -8.75
N SER B 162 -9.90 -20.49 -9.97
CA SER B 162 -9.02 -19.36 -10.22
C SER B 162 -9.52 -18.66 -11.48
N VAL B 163 -9.47 -17.33 -11.48
CA VAL B 163 -9.99 -16.54 -12.57
C VAL B 163 -8.89 -15.65 -13.13
N THR B 164 -8.86 -15.51 -14.45
CA THR B 164 -7.92 -14.62 -15.09
C THR B 164 -8.39 -13.16 -14.95
N GLU B 165 -7.46 -12.25 -15.17
CA GLU B 165 -7.80 -10.85 -15.25
C GLU B 165 -8.46 -10.56 -16.60
N GLN B 166 -9.23 -9.48 -16.64
CA GLN B 166 -10.00 -9.12 -17.82
C GLN B 166 -9.10 -9.03 -19.05
N ASP B 167 -9.48 -9.76 -20.09
CA ASP B 167 -8.62 -9.89 -21.25
C ASP B 167 -8.47 -8.57 -21.98
N SER B 168 -7.26 -8.33 -22.49
CA SER B 168 -6.95 -7.05 -23.11
C SER B 168 -7.63 -6.87 -24.46
N LYS B 169 -7.86 -7.95 -25.20
CA LYS B 169 -8.41 -7.83 -26.56
C LYS B 169 -9.94 -7.84 -26.56
N ASP B 170 -10.55 -8.79 -25.84
CA ASP B 170 -12.00 -8.95 -25.86
C ASP B 170 -12.66 -8.65 -24.53
N SER B 171 -11.90 -8.27 -23.50
CA SER B 171 -12.47 -7.80 -22.24
C SER B 171 -13.31 -8.88 -21.55
N THR B 172 -13.02 -10.16 -21.80
CA THR B 172 -13.74 -11.25 -21.16
C THR B 172 -12.93 -11.80 -19.99
N TYR B 173 -13.55 -12.72 -19.28
CA TYR B 173 -12.89 -13.47 -18.22
C TYR B 173 -12.86 -14.95 -18.55
N SER B 174 -11.98 -15.67 -17.87
CA SER B 174 -11.94 -17.11 -17.95
C SER B 174 -11.69 -17.66 -16.55
N LEU B 175 -12.23 -18.85 -16.30
CA LEU B 175 -12.22 -19.44 -14.97
C LEU B 175 -11.92 -20.93 -15.06
N SER B 176 -11.12 -21.42 -14.12
CA SER B 176 -10.78 -22.83 -14.01
C SER B 176 -11.16 -23.30 -12.61
N SER B 177 -11.97 -24.35 -12.54
CA SER B 177 -12.32 -25.01 -11.28
C SER B 177 -11.77 -26.42 -11.27
N THR B 178 -11.10 -26.78 -10.18
CA THR B 178 -10.39 -28.05 -10.05
C THR B 178 -11.00 -28.83 -8.89
N LEU B 179 -11.76 -29.87 -9.20
CA LEU B 179 -12.24 -30.82 -8.22
C LEU B 179 -11.23 -31.94 -8.05
N THR B 180 -10.79 -32.19 -6.82
CA THR B 180 -9.76 -33.19 -6.57
C THR B 180 -10.27 -34.21 -5.56
N LEU B 181 -10.17 -35.50 -5.92
CA LEU B 181 -10.44 -36.61 -5.03
C LEU B 181 -9.23 -37.54 -5.04
N SER B 182 -9.30 -38.58 -4.21
CA SER B 182 -8.29 -39.62 -4.24
C SER B 182 -8.65 -40.65 -5.29
N LYS B 183 -7.65 -41.41 -5.73
CA LYS B 183 -7.89 -42.49 -6.66
C LYS B 183 -9.03 -43.39 -6.17
N ALA B 184 -9.03 -43.72 -4.87
CA ALA B 184 -10.03 -44.60 -4.29
C ALA B 184 -11.45 -44.10 -4.54
N ASP B 185 -11.81 -42.97 -3.93
CA ASP B 185 -13.18 -42.49 -4.05
C ASP B 185 -13.50 -42.01 -5.46
N TYR B 186 -12.49 -41.73 -6.28
CA TYR B 186 -12.76 -41.40 -7.68
C TYR B 186 -13.25 -42.63 -8.44
N GLU B 187 -12.64 -43.78 -8.17
CA GLU B 187 -13.01 -45.03 -8.83
C GLU B 187 -14.33 -45.61 -8.33
N LYS B 188 -14.92 -45.02 -7.30
CA LYS B 188 -16.17 -45.51 -6.72
C LYS B 188 -17.40 -44.92 -7.38
N HIS B 189 -17.23 -44.00 -8.33
CA HIS B 189 -18.36 -43.31 -8.96
C HIS B 189 -18.17 -43.32 -10.47
N LYS B 190 -19.25 -42.99 -11.17
CA LYS B 190 -19.29 -43.10 -12.63
C LYS B 190 -19.27 -41.74 -13.30
N VAL B 191 -20.30 -40.91 -13.08
CA VAL B 191 -20.49 -39.68 -13.83
C VAL B 191 -19.99 -38.50 -13.02
N TYR B 192 -19.23 -37.63 -13.67
CA TYR B 192 -18.69 -36.40 -13.09
C TYR B 192 -19.14 -35.23 -13.95
N ALA B 193 -19.63 -34.18 -13.30
CA ALA B 193 -20.20 -33.05 -14.01
C ALA B 193 -19.90 -31.76 -13.26
N CYS B 194 -19.90 -30.64 -14.00
CA CYS B 194 -19.88 -29.31 -13.42
C CYS B 194 -20.99 -28.52 -14.09
N GLU B 195 -21.84 -27.92 -13.26
CA GLU B 195 -23.01 -27.17 -13.68
C GLU B 195 -22.59 -25.71 -13.58
N VAL B 196 -22.83 -24.93 -14.60
CA VAL B 196 -22.37 -23.56 -14.67
C VAL B 196 -23.57 -22.65 -14.83
N THR B 197 -23.62 -21.60 -14.02
CA THR B 197 -24.65 -20.57 -14.14
C THR B 197 -23.98 -19.26 -14.49
N HIS B 198 -24.63 -18.49 -15.36
CA HIS B 198 -24.08 -17.22 -15.80
C HIS B 198 -25.19 -16.40 -16.44
N GLN B 199 -25.10 -15.08 -16.30
CA GLN B 199 -26.12 -14.19 -16.85
C GLN B 199 -26.32 -14.41 -18.35
N GLY B 200 -25.27 -14.81 -19.06
CA GLY B 200 -25.40 -15.10 -20.48
C GLY B 200 -26.03 -16.43 -20.81
N LEU B 201 -26.29 -17.26 -19.79
CA LEU B 201 -26.91 -18.57 -19.99
C LEU B 201 -28.37 -18.50 -19.56
N SER B 202 -29.27 -18.74 -20.52
CA SER B 202 -30.69 -18.72 -20.21
C SER B 202 -31.03 -19.70 -19.10
N SER B 203 -30.39 -20.87 -19.10
CA SER B 203 -30.54 -21.87 -18.05
C SER B 203 -29.19 -22.53 -17.80
N PRO B 204 -28.95 -23.02 -16.59
CA PRO B 204 -27.63 -23.59 -16.27
C PRO B 204 -27.22 -24.68 -17.24
N VAL B 205 -25.92 -24.70 -17.58
CA VAL B 205 -25.36 -25.65 -18.52
C VAL B 205 -24.45 -26.61 -17.76
N THR B 206 -24.49 -27.88 -18.17
CA THR B 206 -23.73 -28.95 -17.53
C THR B 206 -22.89 -29.66 -18.58
N LYS B 207 -21.60 -29.77 -18.33
CA LYS B 207 -20.72 -30.65 -19.08
C LYS B 207 -20.32 -31.80 -18.17
N SER B 208 -20.27 -33.00 -18.72
CA SER B 208 -20.07 -34.19 -17.92
C SER B 208 -19.45 -35.30 -18.75
N PHE B 209 -18.98 -36.34 -18.06
CA PHE B 209 -18.44 -37.53 -18.68
C PHE B 209 -18.64 -38.70 -17.73
N ASN B 210 -18.61 -39.91 -18.30
CA ASN B 210 -18.60 -41.14 -17.54
C ASN B 210 -17.25 -41.79 -17.72
N ARG B 211 -16.60 -42.17 -16.62
CA ARG B 211 -15.30 -42.82 -16.71
C ARG B 211 -15.50 -44.23 -17.30
N GLY B 212 -15.27 -44.35 -18.60
CA GLY B 212 -15.48 -45.60 -19.33
C GLY B 212 -15.83 -45.35 -20.78
N ASN C 4 34.52 22.96 0.84
CA ASN C 4 33.16 23.34 0.48
C ASN C 4 32.37 23.82 1.69
N LEU C 5 32.65 25.04 2.17
CA LEU C 5 31.90 25.58 3.29
C LEU C 5 30.42 25.57 2.96
N CYS C 6 29.61 25.01 3.88
CA CYS C 6 28.23 24.66 3.60
C CYS C 6 27.38 25.89 3.25
N PRO C 7 26.20 25.66 2.68
CA PRO C 7 25.31 26.78 2.33
C PRO C 7 24.45 27.25 3.51
N PHE C 8 25.11 27.64 4.60
CA PHE C 8 24.37 28.23 5.71
C PHE C 8 23.59 29.46 5.28
N GLY C 9 24.17 30.27 4.39
CA GLY C 9 23.43 31.40 3.85
C GLY C 9 22.18 31.00 3.10
N GLU C 10 22.14 29.78 2.59
CA GLU C 10 20.93 29.27 1.94
C GLU C 10 19.75 29.18 2.90
N VAL C 11 20.01 29.08 4.20
CA VAL C 11 18.98 28.92 5.21
C VAL C 11 18.79 30.22 6.02
N PHE C 12 19.87 30.79 6.57
CA PHE C 12 19.75 32.00 7.42
C PHE C 12 19.39 33.24 6.61
N ASN C 13 19.74 33.26 5.30
CA ASN C 13 19.52 34.39 4.41
C ASN C 13 18.44 34.10 3.38
N ALA C 14 17.63 33.05 3.62
CA ALA C 14 16.53 32.66 2.73
C ALA C 14 15.54 33.83 2.68
N THR C 15 15.09 34.23 1.47
CA THR C 15 14.15 35.35 1.31
C THR C 15 12.80 35.04 1.93
N ARG C 16 12.37 33.79 1.84
CA ARG C 16 11.09 33.35 2.40
C ARG C 16 11.34 32.32 3.50
N PHE C 17 10.61 32.46 4.60
CA PHE C 17 10.62 31.52 5.70
C PHE C 17 9.25 30.87 5.83
N ALA C 18 9.23 29.66 6.38
CA ALA C 18 8.01 28.90 6.48
C ALA C 18 7.26 29.24 7.77
N SER C 19 5.97 28.92 7.77
CA SER C 19 5.20 28.97 9.00
C SER C 19 5.64 27.84 9.93
N VAL C 20 5.59 28.12 11.24
CA VAL C 20 6.13 27.18 12.22
C VAL C 20 5.42 25.83 12.15
N TYR C 21 4.12 25.81 11.83
CA TYR C 21 3.41 24.53 11.79
C TYR C 21 3.90 23.67 10.64
N ALA C 22 4.34 24.28 9.55
CA ALA C 22 4.91 23.57 8.40
C ALA C 22 6.40 23.84 8.27
N TRP C 23 7.11 23.89 9.40
CA TRP C 23 8.54 24.11 9.38
C TRP C 23 9.23 23.14 8.42
N ASN C 24 10.23 23.64 7.71
CA ASN C 24 10.99 22.80 6.81
C ASN C 24 12.38 22.59 7.39
N ARG C 25 12.99 21.48 6.96
CA ARG C 25 14.28 21.03 7.45
C ARG C 25 15.21 20.85 6.27
N LYS C 26 16.43 21.39 6.38
CA LYS C 26 17.45 21.30 5.35
C LYS C 26 18.57 20.42 5.88
N ARG C 27 18.71 19.23 5.31
CA ARG C 27 19.83 18.35 5.65
C ARG C 27 21.12 18.89 5.05
N ILE C 28 22.12 19.09 5.90
CA ILE C 28 23.42 19.58 5.48
C ILE C 28 24.41 18.43 5.59
N SER C 29 25.18 18.22 4.53
CA SER C 29 26.10 17.09 4.46
C SER C 29 27.19 17.41 3.45
N ASN C 30 28.33 16.75 3.63
CA ASN C 30 29.45 16.82 2.70
C ASN C 30 29.97 18.25 2.58
N CYS C 31 30.46 18.77 3.70
CA CYS C 31 30.95 20.14 3.73
C CYS C 31 31.68 20.39 5.04
N VAL C 32 32.39 21.50 5.10
CA VAL C 32 33.01 21.97 6.33
C VAL C 32 32.18 23.12 6.86
N ALA C 33 32.01 23.18 8.18
CA ALA C 33 31.11 24.15 8.81
C ALA C 33 31.93 25.05 9.72
N ASP C 34 31.87 26.36 9.45
CA ASP C 34 32.57 27.36 10.25
C ASP C 34 31.55 28.01 11.17
N TYR C 35 31.35 27.38 12.34
CA TYR C 35 30.26 27.78 13.21
C TYR C 35 30.54 29.12 13.89
N SER C 36 31.80 29.37 14.26
CA SER C 36 32.11 30.64 14.89
C SER C 36 31.98 31.80 13.92
N VAL C 37 32.20 31.56 12.62
CA VAL C 37 31.91 32.59 11.62
C VAL C 37 30.40 32.82 11.52
N LEU C 38 29.61 31.78 11.76
CA LEU C 38 28.16 31.96 11.81
C LEU C 38 27.78 32.77 13.04
N TYR C 39 28.36 32.45 14.19
CA TYR C 39 28.13 33.23 15.40
C TYR C 39 28.41 34.72 15.14
N ASN C 40 29.51 35.03 14.46
CA ASN C 40 29.94 36.41 14.31
C ASN C 40 29.23 37.16 13.19
N SER C 41 28.51 36.47 12.31
CA SER C 41 27.65 37.16 11.35
C SER C 41 26.63 38.06 12.05
N ALA C 42 26.35 37.79 13.32
CA ALA C 42 25.67 38.74 14.21
C ALA C 42 24.24 39.05 13.74
N SER C 43 23.67 40.11 14.30
CA SER C 43 22.23 40.38 14.18
C SER C 43 21.41 39.22 14.74
N PHE C 44 21.91 38.62 15.82
CA PHE C 44 21.26 37.49 16.47
C PHE C 44 20.87 37.89 17.88
N SER C 45 19.58 37.78 18.20
CA SER C 45 19.08 38.05 19.54
C SER C 45 19.09 36.82 20.43
N THR C 46 19.07 35.62 19.84
CA THR C 46 19.18 34.39 20.60
C THR C 46 20.18 33.49 19.88
N PHE C 47 21.09 32.89 20.65
CA PHE C 47 22.06 31.95 20.12
C PHE C 47 22.57 31.06 21.24
N LYS C 48 21.73 30.15 21.72
CA LYS C 48 22.15 29.19 22.74
C LYS C 48 22.45 27.85 22.09
N CYS C 49 23.44 27.16 22.65
CA CYS C 49 23.78 25.80 22.26
C CYS C 49 23.67 24.89 23.48
N TYR C 50 23.06 23.73 23.28
CA TYR C 50 22.78 22.80 24.36
C TYR C 50 23.71 21.59 24.23
N GLY C 51 24.56 21.40 25.23
CA GLY C 51 25.54 20.34 25.23
C GLY C 51 26.82 20.64 24.48
N VAL C 52 27.00 21.87 24.00
CA VAL C 52 28.15 22.22 23.16
C VAL C 52 28.48 23.69 23.32
N SER C 53 29.55 24.14 22.65
CA SER C 53 29.91 25.55 22.48
C SER C 53 30.22 25.75 21.00
N PRO C 54 29.83 26.87 20.39
CA PRO C 54 30.17 27.07 18.96
C PRO C 54 31.66 26.90 18.70
N THR C 55 32.48 27.54 19.52
CA THR C 55 33.91 27.49 19.32
C THR C 55 34.42 26.05 19.33
N LYS C 56 33.98 25.26 20.31
CA LYS C 56 34.42 23.88 20.36
C LYS C 56 33.90 23.07 19.18
N LEU C 57 32.70 23.37 18.68
CA LEU C 57 32.09 22.47 17.71
C LEU C 57 32.53 22.72 16.27
N ASN C 58 33.17 23.86 15.96
CA ASN C 58 33.83 23.97 14.67
C ASN C 58 35.27 23.47 14.73
N ASP C 59 35.58 22.68 15.77
CA ASP C 59 36.67 21.71 15.76
C ASP C 59 36.16 20.28 15.64
N LEU C 60 34.85 20.05 15.75
CA LEU C 60 34.26 18.73 15.77
C LEU C 60 33.68 18.38 14.40
N CYS C 61 33.21 17.14 14.27
CA CYS C 61 32.50 16.70 13.08
C CYS C 61 31.28 15.89 13.51
N PHE C 62 30.34 15.75 12.58
CA PHE C 62 29.15 14.94 12.82
C PHE C 62 28.78 14.22 11.54
N THR C 63 27.97 13.18 11.68
CA THR C 63 27.52 12.42 10.51
C THR C 63 26.75 13.33 9.56
N ASN C 64 25.71 14.01 10.07
CA ASN C 64 24.95 14.96 9.29
C ASN C 64 24.48 16.09 10.21
N VAL C 65 24.15 17.23 9.61
CA VAL C 65 23.60 18.37 10.34
C VAL C 65 22.28 18.77 9.67
N TYR C 66 21.32 19.19 10.49
CA TYR C 66 20.02 19.60 10.00
C TYR C 66 19.72 21.02 10.45
N ALA C 67 19.16 21.82 9.54
CA ALA C 67 18.81 23.21 9.81
C ALA C 67 17.30 23.38 9.65
N ASP C 68 16.60 23.55 10.77
CA ASP C 68 15.17 23.79 10.79
C ASP C 68 14.89 25.28 10.91
N SER C 69 14.07 25.81 10.01
CA SER C 69 13.79 27.24 9.98
C SER C 69 12.29 27.47 9.90
N PHE C 70 11.87 28.60 10.47
CA PHE C 70 10.46 28.98 10.55
C PHE C 70 10.34 30.33 11.23
N VAL C 71 9.11 30.86 11.31
CA VAL C 71 8.83 32.16 11.89
C VAL C 71 7.87 32.01 13.07
N ILE C 72 8.18 32.73 14.14
CA ILE C 72 7.26 32.89 15.26
C ILE C 72 7.39 34.34 15.73
N ARG C 73 7.03 34.63 16.97
CA ARG C 73 7.22 35.97 17.48
C ARG C 73 8.05 35.93 18.76
N GLY C 74 8.40 37.13 19.24
CA GLY C 74 9.44 37.25 20.25
C GLY C 74 9.13 36.48 21.52
N ASP C 75 7.89 36.54 22.00
CA ASP C 75 7.58 35.92 23.28
C ASP C 75 7.62 34.39 23.22
N GLU C 76 7.66 33.81 22.01
CA GLU C 76 7.60 32.36 21.87
C GLU C 76 8.95 31.71 21.60
N VAL C 77 10.02 32.50 21.41
CA VAL C 77 11.33 31.90 21.19
C VAL C 77 11.75 31.07 22.39
N ARG C 78 11.31 31.47 23.59
CA ARG C 78 11.63 30.67 24.77
C ARG C 78 11.11 29.25 24.64
N GLN C 79 10.02 29.06 23.89
CA GLN C 79 9.47 27.72 23.70
C GLN C 79 10.36 26.85 22.81
N ILE C 80 11.26 27.46 22.04
CA ILE C 80 12.18 26.70 21.19
C ILE C 80 13.38 26.32 22.03
N ALA C 81 13.13 25.66 23.16
CA ALA C 81 14.16 25.16 24.04
C ALA C 81 13.69 23.82 24.58
N PRO C 82 14.63 22.93 24.94
CA PRO C 82 14.22 21.62 25.43
C PRO C 82 13.34 21.72 26.67
N GLY C 83 12.32 20.87 26.72
CA GLY C 83 11.49 20.74 27.91
C GLY C 83 10.45 21.81 28.10
N GLN C 84 10.19 22.63 27.09
CA GLN C 84 9.23 23.71 27.22
C GLN C 84 7.84 23.26 26.77
N THR C 85 6.83 24.02 27.17
CA THR C 85 5.45 23.80 26.79
C THR C 85 4.84 25.11 26.30
N GLY C 86 3.64 25.00 25.73
CA GLY C 86 2.95 26.11 25.11
C GLY C 86 2.49 25.72 23.71
N LYS C 87 1.75 26.65 23.09
CA LYS C 87 1.17 26.35 21.78
C LYS C 87 2.24 25.93 20.77
N ILE C 88 3.40 26.59 20.79
CA ILE C 88 4.43 26.29 19.80
C ILE C 88 5.07 24.93 20.08
N ALA C 89 5.56 24.73 21.31
CA ALA C 89 6.24 23.48 21.62
C ALA C 89 5.28 22.31 21.64
N ASP C 90 4.01 22.55 21.98
CA ASP C 90 3.03 21.48 22.08
C ASP C 90 2.38 21.16 20.74
N TYR C 91 2.18 22.17 19.89
CA TYR C 91 1.37 21.99 18.70
C TYR C 91 2.09 22.23 17.38
N ASN C 92 3.25 22.90 17.38
CA ASN C 92 3.90 23.32 16.15
C ASN C 92 5.30 22.73 15.96
N TYR C 93 6.23 23.00 16.87
CA TYR C 93 7.61 22.54 16.73
C TYR C 93 8.14 22.14 18.09
N LYS C 94 8.49 20.87 18.24
CA LYS C 94 8.93 20.30 19.52
C LYS C 94 10.35 19.79 19.40
N LEU C 95 11.22 20.21 20.37
CA LEU C 95 12.58 19.68 20.46
C LEU C 95 12.65 18.58 21.51
N PRO C 96 13.58 17.65 21.35
CA PRO C 96 13.74 16.60 22.37
C PRO C 96 14.42 17.15 23.62
N ASP C 97 14.23 16.43 24.72
CA ASP C 97 14.88 16.82 25.98
C ASP C 97 16.39 16.62 25.90
N ASP C 98 16.85 15.63 25.15
CA ASP C 98 18.29 15.38 24.97
C ASP C 98 18.83 16.11 23.75
N PHE C 99 18.40 17.35 23.52
CA PHE C 99 18.75 18.06 22.30
C PHE C 99 20.24 18.37 22.26
N THR C 100 20.87 18.08 21.13
CA THR C 100 22.28 18.38 20.88
C THR C 100 22.34 19.32 19.69
N GLY C 101 22.30 20.62 19.96
CA GLY C 101 22.32 21.58 18.88
C GLY C 101 22.20 22.99 19.40
N CYS C 102 22.07 23.92 18.47
CA CYS C 102 21.94 25.34 18.78
C CYS C 102 20.64 25.87 18.21
N VAL C 103 20.06 26.84 18.92
CA VAL C 103 18.84 27.53 18.48
C VAL C 103 19.22 28.97 18.18
N ILE C 104 19.00 29.39 16.93
CA ILE C 104 19.39 30.73 16.47
C ILE C 104 18.12 31.47 16.08
N ALA C 105 17.97 32.70 16.60
CA ALA C 105 16.79 33.50 16.32
C ALA C 105 17.18 34.96 16.29
N TRP C 106 16.46 35.75 15.48
CA TRP C 106 16.72 37.18 15.36
C TRP C 106 15.45 37.89 14.94
N ASN C 107 15.28 39.12 15.42
CA ASN C 107 14.11 39.92 15.08
C ASN C 107 14.10 40.22 13.59
N SER C 108 12.96 39.95 12.95
CA SER C 108 12.77 40.24 11.53
C SER C 108 11.58 41.18 11.31
N ASN C 109 11.27 42.02 12.30
CA ASN C 109 10.14 42.93 12.17
C ASN C 109 10.24 43.78 10.91
N ASN C 110 11.45 44.13 10.51
CA ASN C 110 11.67 44.93 9.31
C ASN C 110 11.35 44.18 8.03
N LEU C 111 10.95 42.91 8.11
CA LEU C 111 10.83 42.10 6.89
C LEU C 111 9.54 41.29 6.86
N ASP C 112 9.12 40.77 8.01
CA ASP C 112 7.94 39.92 8.10
C ASP C 112 6.73 40.66 8.68
N SER C 113 6.84 41.96 8.90
CA SER C 113 5.70 42.79 9.27
C SER C 113 5.40 43.79 8.16
N LYS C 114 4.16 44.27 8.13
CA LYS C 114 3.79 45.30 7.17
C LYS C 114 2.64 46.11 7.76
N VAL C 115 2.56 47.38 7.34
CA VAL C 115 1.49 48.24 7.81
C VAL C 115 0.16 47.62 7.40
N GLY C 116 -0.73 47.43 8.38
CA GLY C 116 -1.97 46.72 8.18
C GLY C 116 -1.92 45.26 8.59
N GLY C 117 -0.73 44.70 8.74
CA GLY C 117 -0.59 43.34 9.22
C GLY C 117 -0.30 42.33 8.14
N ASN C 118 0.71 41.49 8.37
CA ASN C 118 1.02 40.36 7.49
C ASN C 118 0.40 39.11 8.09
N TYR C 119 -0.59 38.55 7.40
CA TYR C 119 -1.33 37.39 7.91
C TYR C 119 -0.91 36.10 7.22
N ASN C 120 0.25 36.08 6.56
CA ASN C 120 0.67 34.89 5.85
C ASN C 120 1.32 33.86 6.77
N TYR C 121 1.96 34.31 7.84
CA TYR C 121 2.57 33.39 8.79
C TYR C 121 1.51 32.82 9.72
N LEU C 122 1.49 31.50 9.85
CA LEU C 122 0.46 30.80 10.60
C LEU C 122 1.10 29.91 11.66
N TYR C 123 0.27 29.49 12.62
CA TYR C 123 0.70 28.56 13.65
C TYR C 123 -0.51 27.75 14.07
N ARG C 124 -0.28 26.49 14.42
CA ARG C 124 -1.39 25.62 14.81
C ARG C 124 -1.92 26.07 16.17
N LEU C 125 -3.23 26.28 16.21
CA LEU C 125 -3.89 26.75 17.42
C LEU C 125 -4.32 25.60 18.32
N PHE C 126 -4.89 24.55 17.74
CA PHE C 126 -5.41 23.41 18.48
C PHE C 126 -4.76 22.12 18.01
N ARG C 127 -4.62 21.17 18.92
CA ARG C 127 -4.18 19.82 18.57
C ARG C 127 -4.51 18.89 19.72
N LYS C 128 -5.08 17.72 19.40
CA LYS C 128 -5.59 16.85 20.46
C LYS C 128 -4.49 16.15 21.23
N SER C 129 -3.28 16.07 20.68
CA SER C 129 -2.14 15.56 21.41
C SER C 129 -0.95 16.46 21.13
N ASN C 130 0.04 16.39 22.02
CA ASN C 130 1.28 17.13 21.82
C ASN C 130 2.16 16.45 20.78
N LEU C 131 2.99 17.23 20.12
CA LEU C 131 3.88 16.68 19.11
C LEU C 131 4.99 15.87 19.75
N LYS C 132 5.47 14.87 19.01
CA LYS C 132 6.75 14.24 19.31
C LYS C 132 7.88 15.20 18.98
N PRO C 133 9.06 15.00 19.58
CA PRO C 133 10.23 15.76 19.14
C PRO C 133 10.39 15.63 17.63
N PHE C 134 10.57 16.78 16.97
CA PHE C 134 10.82 16.85 15.53
C PHE C 134 9.66 16.31 14.70
N GLU C 135 8.49 16.11 15.30
CA GLU C 135 7.33 15.76 14.50
C GLU C 135 6.81 17.00 13.77
N ARG C 136 6.15 16.77 12.64
CA ARG C 136 5.64 17.86 11.81
CA ARG C 136 5.65 17.85 11.81
C ARG C 136 4.25 17.49 11.32
N ASP C 137 3.25 18.30 11.69
CA ASP C 137 1.85 18.05 11.34
C ASP C 137 1.31 19.27 10.59
N ILE C 138 0.93 19.07 9.33
CA ILE C 138 0.48 20.18 8.50
C ILE C 138 -1.02 20.07 8.21
N SER C 139 -1.75 19.36 9.06
CA SER C 139 -3.17 19.14 8.83
C SER C 139 -3.95 20.46 8.91
N THR C 140 -4.82 20.67 7.95
CA THR C 140 -5.74 21.80 7.94
C THR C 140 -7.18 21.37 8.16
N GLU C 141 -7.40 20.12 8.57
CA GLU C 141 -8.74 19.66 8.88
C GLU C 141 -9.28 20.44 10.08
N ILE C 142 -10.59 20.59 10.13
CA ILE C 142 -11.19 21.36 11.20
C ILE C 142 -11.12 20.58 12.50
N TYR C 143 -10.80 21.30 13.59
CA TYR C 143 -10.52 20.69 14.87
C TYR C 143 -11.82 20.50 15.65
N GLN C 144 -12.06 19.26 16.08
CA GLN C 144 -13.23 18.91 16.88
C GLN C 144 -12.87 19.13 18.34
N ALA C 145 -13.27 20.28 18.89
CA ALA C 145 -12.97 20.62 20.27
C ALA C 145 -13.95 19.99 21.26
N GLY C 146 -15.10 19.54 20.78
CA GLY C 146 -16.11 18.95 21.63
C GLY C 146 -16.47 17.55 21.21
N SER C 147 -17.62 17.07 21.66
CA SER C 147 -18.02 15.70 21.39
C SER C 147 -18.86 15.55 20.13
N THR C 148 -19.32 16.65 19.53
CA THR C 148 -20.10 16.46 18.32
C THR C 148 -19.21 16.58 17.08
N PRO C 149 -19.50 15.82 16.04
CA PRO C 149 -18.65 15.82 14.85
C PRO C 149 -18.81 17.11 14.05
N CYS C 150 -17.75 17.46 13.34
CA CYS C 150 -17.76 18.67 12.53
C CYS C 150 -18.26 18.46 11.11
N ASN C 151 -18.18 17.23 10.60
CA ASN C 151 -18.65 16.90 9.25
C ASN C 151 -18.17 17.93 8.24
N GLY C 152 -16.92 18.38 8.41
CA GLY C 152 -16.35 19.39 7.55
C GLY C 152 -16.72 20.83 7.86
N VAL C 153 -17.99 21.08 8.16
CA VAL C 153 -18.45 22.46 8.35
C VAL C 153 -17.80 23.09 9.56
N GLU C 154 -17.38 24.34 9.41
CA GLU C 154 -16.99 25.15 10.57
C GLU C 154 -18.23 25.56 11.35
N GLY C 155 -18.19 25.34 12.65
CA GLY C 155 -19.32 25.68 13.49
C GLY C 155 -18.89 25.65 14.95
N PHE C 156 -19.88 25.66 15.84
CA PHE C 156 -19.55 25.65 17.26
C PHE C 156 -18.70 24.43 17.57
N ASN C 157 -17.70 24.64 18.44
CA ASN C 157 -16.72 23.63 18.84
C ASN C 157 -16.00 23.00 17.66
N CYS C 158 -16.02 23.64 16.49
CA CYS C 158 -15.41 23.11 15.27
C CYS C 158 -14.64 24.23 14.58
N TYR C 159 -13.33 24.28 14.81
CA TYR C 159 -12.52 25.44 14.45
C TYR C 159 -11.51 25.08 13.37
N PHE C 160 -11.28 26.01 12.46
CA PHE C 160 -10.13 25.90 11.57
C PHE C 160 -8.87 25.89 12.43
N PRO C 161 -7.99 24.89 12.29
CA PRO C 161 -6.95 24.67 13.31
C PRO C 161 -5.79 25.65 13.29
N LEU C 162 -5.64 26.47 12.25
CA LEU C 162 -4.50 27.36 12.12
C LEU C 162 -4.92 28.81 12.32
N GLN C 163 -4.07 29.56 13.03
CA GLN C 163 -4.25 30.98 13.28
C GLN C 163 -3.09 31.75 12.67
N SER C 164 -3.41 32.85 12.00
CA SER C 164 -2.38 33.67 11.39
C SER C 164 -1.88 34.69 12.41
N TYR C 165 -0.57 34.90 12.41
CA TYR C 165 -0.01 35.97 13.21
C TYR C 165 -0.45 37.32 12.65
N GLY C 166 -0.69 38.28 13.53
CA GLY C 166 -1.01 39.62 13.10
C GLY C 166 0.20 40.52 13.15
N PHE C 167 1.16 40.30 12.26
CA PHE C 167 2.45 40.98 12.32
C PHE C 167 2.32 42.38 11.75
N GLN C 168 2.45 43.39 12.63
CA GLN C 168 2.45 44.78 12.25
C GLN C 168 3.70 45.45 12.80
N PRO C 169 4.27 46.42 12.08
CA PRO C 169 5.54 47.02 12.55
C PRO C 169 5.44 47.71 13.89
N THR C 170 4.24 47.97 14.40
CA THR C 170 4.05 48.70 15.64
C THR C 170 3.68 47.80 16.81
N ASN C 171 3.72 46.48 16.63
CA ASN C 171 3.47 45.58 17.73
C ASN C 171 4.61 45.64 18.75
N GLY C 172 4.32 45.17 19.96
CA GLY C 172 5.33 45.10 20.99
C GLY C 172 6.39 44.06 20.66
N VAL C 173 7.55 44.23 21.31
CA VAL C 173 8.68 43.32 21.05
C VAL C 173 8.23 41.87 21.03
N GLY C 174 7.34 41.50 21.96
CA GLY C 174 6.92 40.11 22.08
C GLY C 174 5.95 39.65 21.01
N TYR C 175 5.34 40.58 20.27
CA TYR C 175 4.39 40.25 19.21
C TYR C 175 4.96 40.51 17.82
N GLN C 176 6.27 40.75 17.72
CA GLN C 176 6.91 41.01 16.44
C GLN C 176 7.48 39.72 15.86
N PRO C 177 7.66 39.64 14.54
CA PRO C 177 8.17 38.41 13.93
C PRO C 177 9.64 38.18 14.26
N TYR C 178 9.99 36.91 14.41
CA TYR C 178 11.36 36.50 14.67
C TYR C 178 11.67 35.26 13.84
N ARG C 179 12.66 35.37 12.96
CA ARG C 179 13.09 34.21 12.20
C ARG C 179 13.98 33.34 13.08
N VAL C 180 13.81 32.03 12.95
CA VAL C 180 14.47 31.07 13.81
C VAL C 180 15.14 30.01 12.97
N VAL C 181 16.29 29.54 13.43
CA VAL C 181 17.02 28.45 12.80
C VAL C 181 17.56 27.54 13.89
N VAL C 182 17.24 26.26 13.80
CA VAL C 182 17.64 25.26 14.78
C VAL C 182 18.58 24.29 14.09
N LEU C 183 19.84 24.28 14.51
CA LEU C 183 20.83 23.34 13.99
C LEU C 183 20.88 22.13 14.92
N SER C 184 20.80 20.94 14.33
CA SER C 184 20.88 19.68 15.07
C SER C 184 22.03 18.87 14.48
N PHE C 185 22.80 18.24 15.36
CA PHE C 185 24.04 17.56 14.99
C PHE C 185 23.87 16.06 15.17
N GLU C 186 23.99 15.32 14.08
CA GLU C 186 23.77 13.88 14.06
C GLU C 186 25.10 13.17 13.97
N LEU C 187 25.40 12.36 14.98
CA LEU C 187 26.63 11.56 14.99
C LEU C 187 26.23 10.08 15.01
N LEU C 188 26.24 9.46 13.83
CA LEU C 188 25.98 8.05 13.70
C LEU C 188 27.28 7.27 13.72
N HIS C 189 27.16 5.97 13.91
CA HIS C 189 28.32 5.10 13.75
C HIS C 189 28.59 4.97 12.26
N ALA C 190 28.98 6.09 11.65
CA ALA C 190 29.10 6.22 10.21
C ALA C 190 30.07 7.34 9.91
N PRO C 191 30.58 7.44 8.69
CA PRO C 191 31.57 8.48 8.38
C PRO C 191 31.01 9.88 8.55
N ALA C 192 31.74 10.70 9.31
CA ALA C 192 31.39 12.10 9.49
C ALA C 192 31.80 12.87 8.25
N THR C 193 30.83 13.57 7.64
CA THR C 193 31.07 14.33 6.42
C THR C 193 30.86 15.82 6.59
N VAL C 194 30.47 16.27 7.79
CA VAL C 194 30.33 17.70 8.08
C VAL C 194 31.32 17.99 9.21
N CYS C 195 32.49 18.49 8.85
CA CYS C 195 33.56 18.75 9.80
C CYS C 195 33.76 20.25 9.98
N GLY C 196 34.37 20.61 11.10
CA GLY C 196 34.74 21.98 11.34
C GLY C 196 36.15 22.24 10.84
N PRO C 197 36.47 23.51 10.54
CA PRO C 197 37.82 23.80 10.03
C PRO C 197 38.94 23.35 10.96
N GLY C 198 38.72 23.38 12.27
CA GLY C 198 39.75 23.02 13.22
C GLY C 198 39.76 21.57 13.61
N SER C 199 38.94 20.73 12.99
CA SER C 199 38.94 19.31 13.31
C SER C 199 40.22 18.66 12.82
N HIS C 200 40.43 17.40 13.23
CA HIS C 200 41.57 16.64 12.76
C HIS C 200 41.46 16.23 11.30
N HIS C 201 40.27 16.38 10.71
CA HIS C 201 40.08 16.02 9.30
C HIS C 201 40.62 17.09 8.35
N HIS C 202 40.73 18.34 8.79
CA HIS C 202 41.21 19.43 7.94
C HIS C 202 42.49 20.05 8.50
C1 NAG D . 23.98 36.51 5.12
C2 NAG D . 25.19 35.91 5.68
C3 NAG D . 26.06 36.96 6.21
C4 NAG D . 26.35 38.04 5.16
C5 NAG D . 24.94 38.54 4.86
C6 NAG D . 24.99 39.74 3.87
C7 NAG D . 25.21 33.57 6.22
C8 NAG D . 25.20 32.55 7.30
N2 NAG D . 24.94 34.82 6.58
O3 NAG D . 27.31 36.29 6.60
O4 NAG D . 27.03 39.13 5.67
O5 NAG D . 24.18 37.56 4.26
O6 NAG D . 25.34 39.26 2.59
O7 NAG D . 25.47 33.30 5.04
H1 NAG D . 23.39 36.80 5.85
H2 NAG D . 25.67 35.53 4.92
H3 NAG D . 25.65 37.36 7.00
H4 NAG D . 26.78 37.68 4.37
H5 NAG D . 24.51 38.82 5.69
H61 NAG D . 25.65 40.38 4.19
H62 NAG D . 24.11 40.17 3.85
H81 NAG D . 25.87 32.78 7.96
H82 NAG D . 24.31 32.52 7.71
H83 NAG D . 25.41 31.67 6.92
HN2 NAG D . 24.86 34.99 7.47
HO3 NAG D . 27.64 36.67 7.32
HO4 NAG D . 26.47 39.66 6.10
HO6 NAG D . 24.95 39.78 1.97
C1 NAG D . 28.49 38.95 5.21
C2 NAG D . 28.95 40.06 4.34
C3 NAG D . 30.34 39.76 3.89
C4 NAG D . 31.27 39.56 5.08
C5 NAG D . 30.67 38.47 5.94
C6 NAG D . 31.46 38.20 7.22
C7 NAG D . 27.73 41.41 2.76
C8 NAG D . 27.40 41.52 1.30
N2 NAG D . 28.14 40.23 3.16
O3 NAG D . 30.80 40.88 3.09
O4 NAG D . 32.50 39.07 4.60
O5 NAG D . 29.34 38.81 6.33
O6 NAG D . 30.75 37.27 8.03
O7 NAG D . 27.61 42.35 3.55
H1 NAG D . 28.49 38.12 4.70
H2 NAG D . 28.95 40.90 4.86
H3 NAG D . 30.33 38.95 3.34
H4 NAG D . 31.38 40.39 5.58
H5 NAG D . 30.63 37.63 5.42
H61 NAG D . 31.57 39.05 7.71
H62 NAG D . 32.34 37.85 6.98
H81 NAG D . 28.20 41.31 0.77
H82 NAG D . 27.11 42.43 1.11
H83 NAG D . 26.70 40.89 1.08
HN2 NAG D . 28.36 39.66 2.49
HO3 NAG D . 31.44 40.60 2.54
HO4 NAG D . 32.41 38.23 4.37
HO6 NAG D . 31.26 37.06 8.73
C1 BMA D . 33.56 40.20 4.66
C2 BMA D . 34.62 39.80 3.66
C3 BMA D . 35.66 40.87 3.60
C4 BMA D . 34.99 42.16 3.18
C5 BMA D . 34.00 42.52 4.25
C6 BMA D . 33.29 43.84 3.93
O2 BMA D . 33.98 39.72 2.37
O3 BMA D . 36.66 40.48 2.63
O4 BMA D . 35.96 43.19 3.00
O5 BMA D . 33.02 41.50 4.39
O6 BMA D . 34.18 44.94 4.12
H1 BMA D . 33.98 40.18 5.69
H2 BMA D . 35.05 38.85 3.96
H3 BMA D . 36.16 41.01 4.56
H4 BMA D . 34.43 41.97 2.24
H5 BMA D . 34.52 42.65 5.21
H61 BMA D . 32.93 43.79 2.90
H62 BMA D . 32.41 43.91 4.59
HO2 BMA D . 34.03 38.78 2.10
HO3 BMA D . 37.46 40.28 3.16
HO4 BMA D . 36.14 43.22 2.05
C1 GOL E . -5.28 -22.70 -10.33
O1 GOL E . -4.46 -22.59 -11.47
C2 GOL E . -6.39 -23.71 -10.59
O2 GOL E . -5.86 -25.01 -10.50
C3 GOL E . -7.51 -23.53 -9.57
O3 GOL E . -8.65 -24.19 -10.05
H11 GOL E . -5.71 -21.73 -10.09
H12 GOL E . -4.68 -23.03 -9.48
HO1 GOL E . -3.79 -21.90 -11.33
H2 GOL E . -6.79 -23.53 -11.58
HO2 GOL E . -5.52 -25.17 -9.60
H31 GOL E . -7.70 -22.47 -9.42
H32 GOL E . -7.21 -23.97 -8.61
HO3 GOL E . -9.09 -24.67 -9.32
C1 GOL F . -8.26 10.96 14.08
O1 GOL F . -6.88 10.84 13.85
C2 GOL F . -8.54 11.13 15.56
O2 GOL F . -9.45 12.19 15.72
C3 GOL F . -9.15 9.83 16.07
O3 GOL F . -8.28 8.75 15.84
H11 GOL F . -8.78 10.07 13.72
H12 GOL F . -8.65 11.81 13.54
HO1 GOL F . -6.72 10.67 12.90
H2 GOL F . -7.62 11.33 16.09
HO2 GOL F . -10.28 11.98 15.22
H31 GOL F . -10.10 9.65 15.57
H32 GOL F . -9.35 9.92 17.14
HO3 GOL F . -8.48 8.03 16.48
#